data_7XIB
#
_entry.id   7XIB
#
_cell.length_a   1.00
_cell.length_b   1.00
_cell.length_c   1.00
_cell.angle_alpha   90.00
_cell.angle_beta   90.00
_cell.angle_gamma   90.00
#
_symmetry.space_group_name_H-M   'P 1'
#
loop_
_entity.id
_entity.type
_entity.pdbx_description
1 polymer 'DNA (cytosine-5)-methyltransferase 1'
2 polymer "DNA (5'-D(*AP*CP*TP*TP*AP*(5CM)P*GP*GP*AP*AP*GP*G)-3')"
3 polymer "DNA (5'-D(*CP*CP*TP*TP*CP*(C55)P*GP*TP*AP*AP*GP*T)-3')"
4 non-polymer 'ZINC ION'
5 water water
#
loop_
_entity_poly.entity_id
_entity_poly.type
_entity_poly.pdbx_seq_one_letter_code
_entity_poly.pdbx_strand_id
1 'polypeptide(L)'
;PKCIQCGQYLDDPDLKYGQHPPDAVDEPQMLTNEKLSIFDANESGFESYEALPQHKLTCFSVYCKHGHLCPIDTGLIEKN
IELFFSGSAKPIYDDDPSLEGGVNGKNLGPINEWWITGFDGGEKALIGFSTSFAEYILMDPSPEYAPIFGLMQEKIYISK
IVVEFLQSNSDSTYEDLINKIETTVPPSGLNLNRFTEDSLLRHAQFVVEQVESYDEAGDSDEQPIFLTPCMRDLIKLAGV
TLGQRRAQARRQTIRHSTREKDRGPTKATTTKLVYQIFDTFFAEQIEKDDREDKENAFKRRRCGVCEVCQQPECGKCKAC
KDMVKFGGSGRSKQACQERRCPNMAMKEADDDEEVDDNIPEMPSPKKMHQGKKKKQNKNRISWVGEAVKTDGKKSYYKKV
CIDAETLEVGDCVSVIPDDSSKPLYLARVTALWEDSSNGQMFHAHWFCAGTDTVLGATSDPLELFLVDECEDMQLSYIHS
KVKVIYKAPSENWAMEGGMDPESLLEGDDGKTYFYQLWYDQDYARFESPPKTQPTEDNKFKFCVSCARLAEMRQKEIPRV
LEQLEDLDSRVLYYSATKNGILYRVGDGVYLPPEAFTFNIKLSSPVKRPRKEPVDEDLYPEHYRKYSDYIKGSNLDAPEP
YRIGRIKEIFCPKKSNGRPNETDIKIRVNKFYRPENTHKSTPASYHADINLLYWSDEEAVVDFKAVQGRCTVEYGEDLPE
CVQVYSMGGPNRFYFLEAYNAKSKSFEDPPNHARSPGNKGKGKGKGKGKPKSQACEPSEPEIEIKLPKLRTLDVFSGCGG
LSEGFHQAGISDTLWAIEMWDPAAQAFRLNNPGSTVFTEDCNILLKLVMAGETTNSRGQRLPQKGDVEMLCGGPPCQGFS
GMNRFNSRTYSKFKNSLVVSFLSYCDYYRPRFFLLENVRNFVSFKRSMVLKLTLRCLVRMGYQCTFGVLQAGQYGVAQTR
RRAIILAAAPGEKLPLFPEPLHVFAPRACQLSVVVDDKKFVSNITRLSSGPFRTITVRDTMSDLPEVRNGASALEISYNG
EPQSWFQRQLRGAQYQPILRDHICKDMSALVAARMRHIPLAPGSDWRDLPNIEVRLSDGTMARKLRYTHHDRKNGRSSSG
ALRGVCSCVEAGKACDPAARQFNTLIPWCLPHTGNRHNHWAGLYGRLEWDGFFSTTVTNPEPMGKQGRVLHPEQHRVVSV
RECARSQGFPDTYRLFGNILDKHRQVGNAVPPPLAKAIGLEIKLCMLAKARESASAKIKEEEAAKD
;
A
2 'polydeoxyribonucleotide' (DA)(DC)(DT)(DT)(DA)(5CM)(DG)(DG)(DA)(DA)(DG)(DG) B
3 'polydeoxyribonucleotide' (DC)(DC)(DT)(DT)(DC)(EIX)(DG)(DT)(DA)(DA)(DG)(DT) C
#
# COMPACT_ATOMS: atom_id res chain seq x y z
N GLY A 264 -1.06 -32.63 -7.16
CA GLY A 264 -2.35 -32.11 -6.71
C GLY A 264 -2.22 -31.21 -5.49
N PRO A 265 -3.30 -30.48 -5.18
CA PRO A 265 -3.28 -29.59 -4.02
C PRO A 265 -3.79 -30.26 -2.75
N THR A 266 -3.21 -29.84 -1.63
CA THR A 266 -3.55 -30.37 -0.32
C THR A 266 -4.67 -29.55 0.31
N LYS A 267 -5.55 -30.24 1.03
CA LYS A 267 -6.65 -29.57 1.71
C LYS A 267 -6.16 -28.84 2.97
N ALA A 268 -6.85 -27.77 3.31
CA ALA A 268 -6.38 -26.85 4.33
C ALA A 268 -6.46 -27.48 5.73
N THR A 269 -5.35 -27.39 6.46
CA THR A 269 -5.36 -27.76 7.88
C THR A 269 -6.02 -26.66 8.70
N THR A 270 -6.88 -27.06 9.62
CA THR A 270 -7.62 -26.10 10.43
C THR A 270 -7.54 -26.45 11.91
N THR A 271 -7.55 -25.43 12.74
CA THR A 271 -8.01 -25.58 14.09
C THR A 271 -9.53 -25.65 14.09
N LYS A 272 -10.09 -26.08 15.22
CA LYS A 272 -11.54 -26.19 15.27
C LYS A 272 -12.22 -24.83 15.18
N LEU A 273 -11.63 -23.79 15.77
CA LEU A 273 -12.20 -22.45 15.69
C LEU A 273 -12.30 -22.00 14.23
N VAL A 274 -11.20 -22.07 13.48
CA VAL A 274 -11.20 -21.63 12.09
C VAL A 274 -12.13 -22.48 11.25
N TYR A 275 -12.24 -23.77 11.58
CA TYR A 275 -13.05 -24.68 10.78
C TYR A 275 -14.52 -24.27 10.79
N GLN A 276 -15.07 -23.98 11.96
CA GLN A 276 -16.49 -23.68 12.06
C GLN A 276 -16.84 -22.26 11.65
N ILE A 277 -15.92 -21.53 11.02
CA ILE A 277 -16.23 -20.25 10.41
C ILE A 277 -16.15 -20.33 8.88
N PHE A 278 -15.14 -21.00 8.36
CA PHE A 278 -14.99 -21.20 6.92
C PHE A 278 -15.60 -22.51 6.43
N ASP A 279 -16.41 -23.17 7.27
CA ASP A 279 -16.90 -24.52 6.96
C ASP A 279 -17.67 -24.55 5.64
N THR A 280 -18.70 -23.72 5.54
CA THR A 280 -19.59 -23.77 4.38
C THR A 280 -18.98 -23.11 3.14
N PHE A 281 -17.99 -22.24 3.31
CA PHE A 281 -17.43 -21.55 2.15
C PHE A 281 -16.43 -22.43 1.41
N PHE A 282 -15.44 -22.96 2.11
CA PHE A 282 -14.52 -23.93 1.54
C PHE A 282 -14.92 -25.34 1.98
N ALA A 283 -15.98 -25.85 1.35
CA ALA A 283 -16.48 -27.18 1.70
C ALA A 283 -15.54 -28.26 1.21
N GLU A 284 -15.23 -28.25 -0.09
CA GLU A 284 -14.41 -29.28 -0.71
C GLU A 284 -12.91 -29.01 -0.57
N GLN A 285 -12.51 -27.98 0.17
CA GLN A 285 -11.11 -27.58 0.23
C GLN A 285 -10.50 -27.64 1.63
N ILE A 286 -11.31 -27.66 2.68
CA ILE A 286 -10.80 -27.82 4.05
C ILE A 286 -10.83 -29.28 4.43
N GLU A 287 -9.78 -29.74 5.09
CA GLU A 287 -9.70 -31.12 5.56
C GLU A 287 -10.47 -31.29 6.87
N LEU A 407 -32.94 -0.74 37.80
CA LEU A 407 -32.11 -0.02 36.86
C LEU A 407 -30.99 0.73 37.59
N GLU A 408 -29.77 0.19 37.51
CA GLU A 408 -28.61 0.79 38.15
C GLU A 408 -27.59 1.19 37.09
N VAL A 409 -26.89 2.30 37.34
CA VAL A 409 -25.86 2.75 36.41
C VAL A 409 -24.84 1.64 36.23
N GLY A 410 -24.65 1.23 34.98
CA GLY A 410 -23.84 0.07 34.65
C GLY A 410 -24.62 -1.09 34.08
N ASP A 411 -25.94 -1.00 34.03
CA ASP A 411 -26.80 -2.07 33.54
C ASP A 411 -27.24 -1.75 32.11
N CYS A 412 -27.35 -2.79 31.29
CA CYS A 412 -27.69 -2.63 29.89
C CYS A 412 -29.17 -2.89 29.67
N VAL A 413 -29.76 -2.11 28.77
CA VAL A 413 -31.18 -2.16 28.46
C VAL A 413 -31.38 -2.28 26.96
N SER A 414 -32.63 -2.55 26.57
CA SER A 414 -33.04 -2.58 25.18
C SER A 414 -34.05 -1.47 24.93
N VAL A 415 -33.99 -0.90 23.74
CA VAL A 415 -34.78 0.26 23.36
C VAL A 415 -35.47 -0.03 22.04
N ILE A 416 -36.77 0.28 21.97
CA ILE A 416 -37.57 0.07 20.77
C ILE A 416 -37.00 0.89 19.63
N PRO A 417 -36.68 0.26 18.47
CA PRO A 417 -36.08 0.97 17.34
C PRO A 417 -37.08 1.85 16.61
N LEU A 424 -34.47 -4.11 18.07
CA LEU A 424 -34.23 -3.22 19.20
C LEU A 424 -32.75 -2.88 19.35
N TYR A 425 -32.47 -1.67 19.82
CA TYR A 425 -31.10 -1.23 20.05
C TYR A 425 -30.71 -1.50 21.50
N LEU A 426 -29.53 -2.08 21.70
CA LEU A 426 -29.05 -2.38 23.04
C LEU A 426 -28.12 -1.27 23.49
N ALA A 427 -28.43 -0.67 24.63
CA ALA A 427 -27.63 0.41 25.18
C ALA A 427 -27.19 0.08 26.60
N ARG A 428 -26.17 0.78 27.07
CA ARG A 428 -25.75 0.75 28.46
C ARG A 428 -26.19 2.05 29.11
N VAL A 429 -26.85 1.93 30.27
CA VAL A 429 -27.28 3.11 31.00
C VAL A 429 -26.06 3.73 31.69
N THR A 430 -25.60 4.86 31.17
CA THR A 430 -24.43 5.51 31.76
C THR A 430 -24.80 6.46 32.89
N ALA A 431 -26.01 7.00 32.87
CA ALA A 431 -26.53 7.79 33.97
C ALA A 431 -28.05 7.78 33.90
N LEU A 432 -28.69 7.74 35.06
CA LEU A 432 -30.14 7.83 35.16
C LEU A 432 -30.58 9.16 35.72
N TRP A 433 -29.69 10.17 35.73
CA TRP A 433 -30.01 11.47 36.30
C TRP A 433 -31.24 12.06 35.62
N GLU A 434 -32.24 12.37 36.43
CA GLU A 434 -33.51 12.87 35.90
C GLU A 434 -33.32 14.29 35.39
N ASP A 435 -33.44 14.48 34.08
CA ASP A 435 -33.46 15.82 33.51
C ASP A 435 -34.86 16.40 33.60
N SER A 436 -34.94 17.71 33.77
CA SER A 436 -36.20 18.38 34.05
C SER A 436 -36.95 18.71 32.77
N SER A 437 -38.27 18.85 32.90
CA SER A 437 -39.16 19.32 31.84
C SER A 437 -39.29 18.31 30.71
N ASN A 438 -38.59 17.19 30.81
CA ASN A 438 -38.62 16.15 29.78
C ASN A 438 -38.83 14.76 30.35
N GLY A 439 -39.45 14.64 31.52
CA GLY A 439 -39.64 13.35 32.16
C GLY A 439 -38.34 12.76 32.64
N GLN A 440 -38.42 11.56 33.20
CA GLN A 440 -37.22 10.87 33.64
C GLN A 440 -36.35 10.50 32.44
N MET A 441 -35.08 10.87 32.52
CA MET A 441 -34.15 10.80 31.40
C MET A 441 -33.09 9.76 31.73
N PHE A 442 -32.32 9.38 30.71
CA PHE A 442 -31.12 8.59 30.96
C PHE A 442 -30.20 8.68 29.75
N HIS A 443 -28.90 8.59 30.00
CA HIS A 443 -27.92 8.60 28.94
C HIS A 443 -27.65 7.16 28.50
N ALA A 444 -27.84 6.90 27.20
CA ALA A 444 -27.67 5.58 26.63
C ALA A 444 -26.40 5.56 25.79
N HIS A 445 -25.41 4.79 26.24
CA HIS A 445 -24.21 4.51 25.46
C HIS A 445 -24.52 3.32 24.56
N TRP A 446 -24.60 3.55 23.26
CA TRP A 446 -25.12 2.53 22.36
C TRP A 446 -24.11 1.41 22.13
N PHE A 447 -24.63 0.18 22.04
CA PHE A 447 -23.90 -0.95 21.50
C PHE A 447 -24.19 -1.05 20.00
N CYS A 448 -23.22 -1.56 19.25
CA CYS A 448 -23.41 -1.90 17.85
C CYS A 448 -23.37 -3.42 17.75
N ALA A 449 -24.49 -4.02 17.36
CA ALA A 449 -24.49 -5.46 17.14
C ALA A 449 -23.56 -5.82 16.00
N GLY A 450 -22.90 -6.98 16.11
CA GLY A 450 -21.97 -7.41 15.09
C GLY A 450 -22.56 -7.51 13.70
N THR A 451 -23.88 -7.62 13.60
CA THR A 451 -24.54 -7.61 12.30
C THR A 451 -24.55 -6.22 11.68
N ASP A 452 -24.40 -5.17 12.48
CA ASP A 452 -24.30 -3.82 11.97
C ASP A 452 -22.86 -3.36 11.76
N THR A 453 -21.89 -4.25 11.95
CA THR A 453 -20.50 -3.96 11.64
C THR A 453 -20.17 -4.49 10.26
N VAL A 454 -18.87 -4.47 9.92
CA VAL A 454 -18.44 -5.00 8.64
C VAL A 454 -18.59 -6.52 8.57
N LEU A 455 -18.70 -7.17 9.73
CA LEU A 455 -18.89 -8.62 9.75
C LEU A 455 -20.20 -9.02 9.10
N GLY A 456 -21.26 -8.25 9.33
CA GLY A 456 -22.54 -8.56 8.72
C GLY A 456 -23.18 -9.78 9.37
N ALA A 457 -23.88 -10.57 8.55
CA ALA A 457 -24.51 -11.79 9.02
C ALA A 457 -23.50 -12.88 9.38
N THR A 458 -22.25 -12.73 8.94
CA THR A 458 -21.18 -13.62 9.36
C THR A 458 -20.97 -13.57 10.88
N SER A 459 -21.46 -12.53 11.54
CA SER A 459 -21.18 -12.28 12.94
C SER A 459 -22.01 -13.19 13.85
N ASP A 460 -21.57 -13.26 15.10
CA ASP A 460 -22.31 -13.91 16.18
C ASP A 460 -23.55 -13.11 16.54
N PRO A 461 -24.73 -13.70 16.56
CA PRO A 461 -25.95 -12.92 16.84
C PRO A 461 -26.07 -12.43 18.27
N LEU A 462 -25.12 -12.75 19.15
CA LEU A 462 -25.11 -12.23 20.51
C LEU A 462 -23.94 -11.32 20.81
N GLU A 463 -22.91 -11.32 19.97
CA GLU A 463 -21.79 -10.41 20.13
C GLU A 463 -22.24 -8.97 19.94
N LEU A 464 -21.89 -8.12 20.90
CA LEU A 464 -22.01 -6.68 20.76
C LEU A 464 -20.62 -6.07 20.63
N PHE A 465 -20.57 -4.83 20.16
CA PHE A 465 -19.34 -4.07 20.05
C PHE A 465 -19.57 -2.68 20.65
N LEU A 466 -18.64 -2.24 21.48
CA LEU A 466 -18.66 -0.87 21.95
C LEU A 466 -18.43 0.09 20.80
N VAL A 467 -19.22 1.16 20.75
CA VAL A 467 -19.01 2.20 19.77
C VAL A 467 -18.99 3.54 20.48
N ASP A 468 -18.35 4.52 19.84
CA ASP A 468 -18.30 5.89 20.36
C ASP A 468 -19.58 6.61 19.94
N GLU A 469 -20.70 6.14 20.46
CA GLU A 469 -21.99 6.70 20.13
C GLU A 469 -22.91 6.59 21.34
N CYS A 470 -23.49 7.72 21.74
CA CYS A 470 -24.38 7.77 22.89
C CYS A 470 -25.34 8.94 22.72
N GLU A 471 -26.42 8.93 23.50
CA GLU A 471 -27.33 10.06 23.46
C GLU A 471 -28.30 10.01 24.64
N ASP A 472 -28.97 11.14 24.88
CA ASP A 472 -29.97 11.25 25.92
C ASP A 472 -31.29 10.68 25.42
N MET A 473 -31.94 9.86 26.25
CA MET A 473 -33.18 9.22 25.89
C MET A 473 -34.20 9.37 27.00
N GLN A 474 -35.47 9.34 26.60
CA GLN A 474 -36.57 9.17 27.54
C GLN A 474 -36.46 7.81 28.22
N LEU A 475 -37.07 7.70 29.39
CA LEU A 475 -37.18 6.41 30.04
C LEU A 475 -38.42 5.65 29.58
N SER A 476 -39.32 6.30 28.86
CA SER A 476 -40.51 5.66 28.31
C SER A 476 -40.23 4.84 27.06
N TYR A 477 -38.96 4.60 26.75
CA TYR A 477 -38.59 3.77 25.61
C TYR A 477 -37.82 2.52 25.99
N ILE A 478 -37.33 2.42 27.24
CA ILE A 478 -36.72 1.19 27.71
C ILE A 478 -37.77 0.09 27.72
N HIS A 479 -37.46 -1.03 27.05
CA HIS A 479 -38.31 -2.20 27.05
C HIS A 479 -38.11 -3.06 28.29
N SER A 480 -36.90 -3.59 28.49
CA SER A 480 -36.58 -4.32 29.70
C SER A 480 -35.07 -4.50 29.81
N LYS A 481 -34.60 -4.75 31.03
CA LYS A 481 -33.19 -5.00 31.31
C LYS A 481 -32.72 -6.23 30.53
N VAL A 482 -31.67 -6.07 29.73
CA VAL A 482 -31.03 -7.20 29.07
C VAL A 482 -29.66 -7.45 29.69
N LYS A 483 -29.25 -8.70 29.66
CA LYS A 483 -27.98 -9.12 30.25
C LYS A 483 -26.88 -9.03 29.20
N VAL A 484 -25.85 -8.24 29.47
CA VAL A 484 -24.69 -8.13 28.59
C VAL A 484 -23.44 -8.40 29.42
N ILE A 485 -22.59 -9.29 28.93
CA ILE A 485 -21.34 -9.66 29.58
C ILE A 485 -20.18 -9.03 28.81
N TYR A 486 -19.08 -8.80 29.51
CA TYR A 486 -17.81 -8.46 28.88
C TYR A 486 -16.96 -9.72 28.86
N LYS A 487 -16.88 -10.37 27.71
CA LYS A 487 -15.98 -11.49 27.53
C LYS A 487 -14.56 -10.97 27.40
N ALA A 488 -13.78 -11.12 28.45
CA ALA A 488 -12.41 -10.66 28.44
C ALA A 488 -11.48 -11.80 28.05
N PRO A 489 -10.38 -11.49 27.38
CA PRO A 489 -9.37 -12.53 27.12
C PRO A 489 -8.71 -12.96 28.42
N SER A 490 -8.33 -14.23 28.47
CA SER A 490 -7.67 -14.80 29.63
C SER A 490 -6.18 -14.45 29.61
N GLU A 491 -5.49 -14.77 30.71
CA GLU A 491 -4.05 -14.67 30.74
C GLU A 491 -3.38 -15.83 30.00
N ASN A 492 -4.13 -16.87 29.68
CA ASN A 492 -3.67 -17.97 28.86
C ASN A 492 -4.15 -17.85 27.42
N TRP A 493 -4.55 -16.63 27.02
CA TRP A 493 -5.01 -16.40 25.66
C TRP A 493 -3.95 -16.80 24.63
N ALA A 494 -2.69 -16.47 24.90
CA ALA A 494 -1.62 -16.79 23.96
C ALA A 494 -1.43 -18.29 23.77
N MET A 495 -2.14 -19.13 24.52
CA MET A 495 -2.05 -20.57 24.40
C MET A 495 -3.42 -21.23 24.29
N GLU A 496 -4.49 -20.45 24.15
CA GLU A 496 -5.82 -20.99 23.91
C GLU A 496 -6.02 -21.45 22.47
N GLY A 497 -4.97 -21.47 21.66
CA GLY A 497 -5.11 -21.82 20.26
C GLY A 497 -4.88 -23.30 20.04
N GLY A 498 -5.88 -23.97 19.48
CA GLY A 498 -5.82 -25.41 19.32
C GLY A 498 -6.54 -26.11 20.45
N MET A 499 -7.73 -26.64 20.18
CA MET A 499 -8.53 -27.26 21.23
C MET A 499 -9.49 -28.29 20.64
N GLY A 510 -22.41 -19.48 27.65
CA GLY A 510 -23.84 -19.25 27.69
C GLY A 510 -24.41 -18.82 26.35
N LYS A 511 -25.61 -18.24 26.37
CA LYS A 511 -26.24 -17.71 25.16
C LYS A 511 -26.87 -16.34 25.45
N THR A 512 -26.15 -15.50 26.17
CA THR A 512 -26.58 -14.13 26.41
C THR A 512 -25.69 -13.16 25.65
N TYR A 513 -26.13 -11.91 25.55
CA TYR A 513 -25.37 -10.89 24.85
C TYR A 513 -24.01 -10.70 25.51
N PHE A 514 -22.97 -10.59 24.69
CA PHE A 514 -21.62 -10.34 25.19
C PHE A 514 -20.92 -9.38 24.24
N TYR A 515 -19.85 -8.77 24.75
CA TYR A 515 -19.00 -7.91 23.94
C TYR A 515 -17.56 -8.12 24.37
N GLN A 516 -16.64 -7.94 23.42
CA GLN A 516 -15.22 -7.99 23.72
C GLN A 516 -14.39 -6.89 23.06
N LEU A 517 -14.95 -6.14 22.10
CA LEU A 517 -14.16 -5.17 21.35
C LEU A 517 -14.97 -3.91 21.09
N TRP A 518 -14.25 -2.80 20.99
CA TRP A 518 -14.79 -1.52 20.55
C TRP A 518 -14.59 -1.40 19.04
N TYR A 519 -15.56 -0.81 18.36
CA TYR A 519 -15.60 -0.82 16.90
C TYR A 519 -15.57 0.60 16.35
N ASP A 520 -14.63 0.84 15.43
CA ASP A 520 -14.56 2.07 14.65
C ASP A 520 -15.21 1.80 13.31
N GLN A 521 -16.36 2.45 13.08
CA GLN A 521 -17.20 2.18 11.91
C GLN A 521 -16.67 2.84 10.63
N ASP A 522 -15.91 3.93 10.74
CA ASP A 522 -15.33 4.54 9.55
C ASP A 522 -14.22 3.67 8.97
N TYR A 523 -13.29 3.24 9.82
CA TYR A 523 -12.10 2.53 9.40
C TYR A 523 -12.22 1.03 9.56
N ALA A 524 -13.37 0.53 10.01
CA ALA A 524 -13.57 -0.89 10.30
C ALA A 524 -12.46 -1.40 11.21
N ARG A 525 -12.26 -0.72 12.33
CA ARG A 525 -11.20 -1.07 13.28
C ARG A 525 -11.83 -1.70 14.51
N PHE A 526 -11.62 -3.00 14.70
CA PHE A 526 -11.95 -3.65 15.96
C PHE A 526 -10.75 -3.52 16.89
N GLU A 527 -10.96 -2.93 18.07
CA GLU A 527 -9.89 -2.64 19.00
C GLU A 527 -10.29 -3.08 20.40
N SER A 528 -9.28 -3.22 21.26
CA SER A 528 -9.55 -3.49 22.66
C SER A 528 -10.39 -2.38 23.27
N PRO A 529 -11.27 -2.69 24.20
CA PRO A 529 -12.10 -1.63 24.83
C PRO A 529 -11.22 -0.53 25.39
N PRO A 530 -11.52 0.73 25.08
CA PRO A 530 -10.64 1.82 25.51
C PRO A 530 -10.58 1.95 27.02
N LYS A 531 -9.39 2.21 27.54
CA LYS A 531 -9.18 2.32 28.98
C LYS A 531 -9.19 3.80 29.36
N THR A 532 -10.39 4.37 29.36
CA THR A 532 -10.61 5.75 29.78
C THR A 532 -11.05 5.73 31.23
N GLN A 533 -10.21 6.28 32.11
CA GLN A 533 -10.48 6.22 33.54
C GLN A 533 -11.29 7.43 33.98
N PRO A 534 -12.43 7.24 34.67
CA PRO A 534 -13.28 8.32 35.17
C PRO A 534 -12.59 9.17 36.23
N LYS A 541 -22.15 9.89 36.24
CA LYS A 541 -22.43 9.56 34.85
C LYS A 541 -21.29 8.74 34.24
N PHE A 542 -20.28 9.46 33.75
CA PHE A 542 -19.10 8.86 33.10
C PHE A 542 -19.50 7.95 31.94
N CYS A 543 -20.04 8.58 30.91
CA CYS A 543 -20.11 7.92 29.61
C CYS A 543 -18.72 7.89 28.98
N VAL A 544 -18.27 6.69 28.59
CA VAL A 544 -16.96 6.58 27.94
C VAL A 544 -17.01 7.21 26.56
N SER A 545 -18.13 7.09 25.86
CA SER A 545 -18.26 7.67 24.53
C SER A 545 -18.14 9.18 24.60
N CYS A 546 -18.77 9.80 25.61
CA CYS A 546 -18.67 11.24 25.77
C CYS A 546 -17.25 11.68 26.06
N ALA A 547 -16.55 10.95 26.93
CA ALA A 547 -15.18 11.31 27.27
C ALA A 547 -14.27 11.21 26.05
N ARG A 548 -14.40 10.14 25.27
CA ARG A 548 -13.57 9.99 24.08
C ARG A 548 -13.90 11.06 23.04
N LEU A 549 -15.19 11.34 22.84
CA LEU A 549 -15.57 12.36 21.87
C LEU A 549 -15.07 13.74 22.28
N ALA A 550 -15.10 14.05 23.58
CA ALA A 550 -14.54 15.32 24.05
C ALA A 550 -13.04 15.38 23.83
N GLU A 551 -12.30 14.38 24.35
CA GLU A 551 -10.85 14.38 24.18
C GLU A 551 -10.43 14.30 22.72
N MET A 552 -11.34 13.97 21.81
CA MET A 552 -11.06 14.05 20.39
C MET A 552 -11.35 15.43 19.81
N ARG A 553 -12.49 16.02 20.15
CA ARG A 553 -12.80 17.37 19.67
C ARG A 553 -11.79 18.41 20.17
N GLN A 554 -11.05 18.11 21.23
CA GLN A 554 -10.16 19.09 21.85
C GLN A 554 -8.71 18.89 21.43
N LYS A 555 -8.42 17.94 20.55
CA LYS A 555 -7.10 17.85 19.95
C LYS A 555 -7.07 18.39 18.53
N GLU A 556 -8.22 18.52 17.86
CA GLU A 556 -8.26 19.05 16.51
C GLU A 556 -8.39 20.56 16.46
N ILE A 557 -8.58 21.22 17.60
CA ILE A 557 -8.66 22.68 17.63
C ILE A 557 -7.25 23.23 17.73
N PRO A 558 -6.79 23.99 16.73
CA PRO A 558 -5.46 24.61 16.83
C PRO A 558 -5.45 25.70 17.89
N ARG A 559 -4.45 25.67 18.76
CA ARG A 559 -4.36 26.60 19.87
C ARG A 559 -2.95 27.15 19.98
N VAL A 560 -2.84 28.45 20.24
CA VAL A 560 -1.52 29.05 20.45
C VAL A 560 -1.10 28.88 21.91
N LEU A 561 0.21 28.92 22.13
CA LEU A 561 0.80 28.80 23.46
C LEU A 561 2.09 29.60 23.49
N GLU A 562 2.44 30.08 24.69
CA GLU A 562 3.70 30.77 24.96
C GLU A 562 3.79 32.05 24.12
N GLN A 563 2.92 32.99 24.44
CA GLN A 563 2.96 34.33 23.85
C GLN A 563 4.36 34.92 23.93
N LEU A 564 4.86 35.40 22.80
CA LEU A 564 6.21 35.90 22.65
C LEU A 564 6.32 37.41 22.79
N GLU A 565 5.38 38.16 22.21
CA GLU A 565 5.43 39.60 22.18
C GLU A 565 4.09 40.12 21.71
N ASP A 566 3.70 41.28 22.23
CA ASP A 566 2.40 41.88 21.93
C ASP A 566 2.62 43.22 21.25
N LEU A 567 2.37 43.27 19.94
CA LEU A 567 2.30 44.52 19.20
C LEU A 567 0.85 44.97 19.13
N ASP A 568 0.59 46.06 18.40
CA ASP A 568 -0.75 46.62 18.39
C ASP A 568 -1.64 45.99 17.34
N SER A 569 -1.08 45.52 16.22
CA SER A 569 -1.87 44.89 15.18
C SER A 569 -1.90 43.37 15.27
N ARG A 570 -1.00 42.77 16.06
CA ARG A 570 -0.91 41.33 16.10
C ARG A 570 -0.14 40.90 17.34
N VAL A 571 -0.48 39.72 17.85
CA VAL A 571 0.20 39.12 18.99
C VAL A 571 1.04 37.96 18.48
N LEU A 572 2.35 38.03 18.74
CA LEU A 572 3.26 36.95 18.38
C LEU A 572 3.28 35.89 19.46
N TYR A 573 3.50 34.65 19.05
CA TYR A 573 3.59 33.52 19.96
C TYR A 573 4.86 32.74 19.68
N TYR A 574 5.26 31.93 20.65
CA TYR A 574 6.38 31.03 20.45
C TYR A 574 5.95 29.63 20.03
N SER A 575 4.72 29.23 20.32
CA SER A 575 4.32 27.88 19.99
C SER A 575 2.85 27.84 19.61
N ALA A 576 2.49 26.79 18.89
CA ALA A 576 1.10 26.47 18.59
C ALA A 576 0.97 24.97 18.57
N THR A 577 -0.27 24.49 18.57
CA THR A 577 -0.51 23.06 18.59
C THR A 577 -1.75 22.78 17.74
N LYS A 578 -1.73 21.64 17.07
CA LYS A 578 -2.77 21.26 16.13
C LYS A 578 -2.70 19.76 15.93
N ASN A 579 -3.83 19.08 16.13
CA ASN A 579 -3.94 17.64 15.94
C ASN A 579 -2.86 16.89 16.74
N GLY A 580 -2.63 17.35 17.97
CA GLY A 580 -1.65 16.72 18.83
C GLY A 580 -0.21 16.96 18.46
N ILE A 581 0.06 17.82 17.48
CA ILE A 581 1.41 18.15 17.04
C ILE A 581 1.73 19.56 17.53
N LEU A 582 2.96 19.76 17.99
CA LEU A 582 3.41 21.05 18.52
C LEU A 582 4.39 21.69 17.55
N TYR A 583 4.12 22.94 17.17
CA TYR A 583 4.93 23.70 16.25
C TYR A 583 5.53 24.89 16.98
N ARG A 584 6.81 25.14 16.76
CA ARG A 584 7.48 26.28 17.34
C ARG A 584 8.09 27.14 16.23
N VAL A 585 8.35 28.40 16.55
CA VAL A 585 9.06 29.30 15.64
C VAL A 585 10.39 28.65 15.29
N GLY A 586 10.59 28.35 14.01
CA GLY A 586 11.80 27.70 13.55
C GLY A 586 11.61 26.28 13.06
N ASP A 587 10.46 25.68 13.27
CA ASP A 587 10.20 24.33 12.79
C ASP A 587 9.82 24.36 11.31
N GLY A 588 9.96 23.20 10.65
CA GLY A 588 9.52 23.06 9.28
C GLY A 588 8.07 22.64 9.22
N VAL A 589 7.35 23.17 8.24
CA VAL A 589 5.95 22.83 8.05
C VAL A 589 5.73 22.34 6.64
N TYR A 590 4.86 21.32 6.53
CA TYR A 590 4.25 20.92 5.28
C TYR A 590 3.07 21.82 4.97
N LEU A 591 2.91 22.14 3.69
CA LEU A 591 1.82 22.98 3.23
C LEU A 591 1.30 22.40 1.92
N PRO A 592 0.02 22.58 1.63
CA PRO A 592 -0.48 22.14 0.34
C PRO A 592 0.24 22.86 -0.78
N PRO A 593 0.40 22.21 -1.94
CA PRO A 593 1.04 22.89 -3.08
C PRO A 593 0.44 24.24 -3.40
N GLU A 594 -0.82 24.46 -3.07
CA GLU A 594 -1.51 25.73 -3.32
C GLU A 594 -1.23 26.79 -2.27
N ALA A 595 -0.38 26.52 -1.28
CA ALA A 595 -0.23 27.44 -0.16
C ALA A 595 0.59 28.67 -0.53
N PHE A 596 1.66 28.51 -1.30
CA PHE A 596 2.39 29.65 -1.80
C PHE A 596 3.00 29.31 -3.16
N THR A 597 3.45 30.36 -3.84
CA THR A 597 4.13 30.23 -5.13
C THR A 597 5.57 30.71 -4.98
N PHE A 598 6.39 30.35 -5.96
CA PHE A 598 7.78 30.74 -5.97
C PHE A 598 7.99 31.97 -6.82
N ASN A 599 9.04 32.74 -6.52
CA ASN A 599 9.34 33.93 -7.30
C ASN A 599 9.72 33.59 -8.73
N ILE A 600 10.19 32.37 -8.98
CA ILE A 600 10.50 31.93 -10.33
C ILE A 600 9.23 31.77 -11.13
N LYS A 601 9.24 32.26 -12.37
CA LYS A 601 8.10 32.10 -13.27
C LYS A 601 8.21 30.77 -14.00
N LEU A 602 7.16 29.97 -13.93
CA LEU A 602 7.15 28.67 -14.58
C LEU A 602 7.13 28.80 -16.10
N PRO A 613 -4.18 12.21 -38.44
CA PRO A 613 -3.28 12.28 -39.59
C PRO A 613 -2.50 10.99 -39.80
N VAL A 614 -3.15 9.85 -39.57
CA VAL A 614 -2.51 8.54 -39.65
C VAL A 614 -2.99 7.82 -40.91
N ASP A 615 -2.07 7.10 -41.55
CA ASP A 615 -2.38 6.25 -42.69
C ASP A 615 -3.09 5.00 -42.18
N GLU A 616 -4.39 4.90 -42.45
CA GLU A 616 -5.20 3.78 -41.96
C GLU A 616 -4.94 2.49 -42.71
N ASP A 617 -4.11 2.51 -43.75
CA ASP A 617 -3.76 1.32 -44.49
C ASP A 617 -2.43 0.72 -44.08
N LEU A 618 -1.51 1.53 -43.57
CA LEU A 618 -0.26 1.05 -43.01
C LEU A 618 -0.35 0.79 -41.52
N TYR A 619 -1.17 1.55 -40.80
CA TYR A 619 -1.39 1.38 -39.37
C TYR A 619 -2.89 1.17 -39.17
N PRO A 620 -3.38 -0.06 -39.37
CA PRO A 620 -4.82 -0.30 -39.34
C PRO A 620 -5.41 -0.55 -37.95
N GLU A 621 -4.58 -0.71 -36.92
CA GLU A 621 -5.08 -0.84 -35.56
C GLU A 621 -4.92 0.42 -34.75
N HIS A 622 -4.57 1.54 -35.39
CA HIS A 622 -4.36 2.78 -34.65
C HIS A 622 -5.68 3.35 -34.15
N TYR A 623 -6.78 3.10 -34.86
CA TYR A 623 -8.07 3.64 -34.47
C TYR A 623 -8.54 3.15 -33.11
N ARG A 624 -7.87 2.15 -32.52
CA ARG A 624 -8.23 1.66 -31.21
C ARG A 624 -7.59 2.45 -30.07
N LYS A 625 -6.74 3.43 -30.39
CA LYS A 625 -6.19 4.37 -29.41
C LYS A 625 -7.01 5.64 -29.51
N TYR A 626 -8.18 5.64 -28.90
CA TYR A 626 -9.07 6.81 -28.98
C TYR A 626 -9.44 7.31 -27.59
N SER A 627 -8.63 7.00 -26.59
CA SER A 627 -8.92 7.38 -25.21
C SER A 627 -8.08 8.54 -24.70
N ASP A 628 -6.87 8.72 -25.23
CA ASP A 628 -5.89 9.71 -24.80
C ASP A 628 -5.34 9.41 -23.41
N TYR A 629 -5.85 8.37 -22.74
CA TYR A 629 -5.29 7.93 -21.47
C TYR A 629 -4.06 7.07 -21.73
N ILE A 630 -2.98 7.37 -21.02
CA ILE A 630 -1.72 6.66 -21.18
C ILE A 630 -1.41 5.97 -19.85
N LYS A 631 -1.18 4.66 -19.91
CA LYS A 631 -0.82 3.91 -18.72
C LYS A 631 0.56 4.32 -18.23
N GLY A 632 0.73 4.30 -16.92
CA GLY A 632 2.00 4.66 -16.32
C GLY A 632 2.45 6.06 -16.62
N SER A 633 1.51 6.98 -16.83
CA SER A 633 1.83 8.36 -17.16
C SER A 633 1.77 9.23 -15.90
N ASN A 634 2.79 10.06 -15.72
CA ASN A 634 2.88 10.93 -14.55
C ASN A 634 2.46 12.37 -14.83
N LEU A 635 1.65 12.59 -15.86
CA LEU A 635 1.27 13.96 -16.21
C LEU A 635 0.27 14.56 -15.23
N ASP A 636 -0.47 13.74 -14.48
CA ASP A 636 -1.51 14.23 -13.59
C ASP A 636 -1.19 14.03 -12.12
N ALA A 637 -0.01 13.52 -11.78
CA ALA A 637 0.34 13.38 -10.38
C ALA A 637 0.50 14.75 -9.74
N PRO A 638 0.04 14.94 -8.52
CA PRO A 638 0.13 16.26 -7.88
C PRO A 638 1.56 16.59 -7.48
N GLU A 639 1.79 17.86 -7.18
CA GLU A 639 3.07 18.28 -6.65
C GLU A 639 3.21 17.82 -5.20
N PRO A 640 4.43 17.54 -4.76
CA PRO A 640 4.65 17.27 -3.33
C PRO A 640 4.38 18.49 -2.47
N TYR A 641 4.53 18.34 -1.15
CA TYR A 641 4.24 19.41 -0.21
C TYR A 641 5.16 20.61 -0.43
N ARG A 642 4.61 21.80 -0.23
CA ARG A 642 5.46 22.96 0.02
C ARG A 642 6.10 22.82 1.39
N ILE A 643 7.40 23.07 1.47
CA ILE A 643 8.13 23.07 2.72
C ILE A 643 8.39 24.50 3.13
N GLY A 644 8.21 24.80 4.41
CA GLY A 644 8.53 26.11 4.92
C GLY A 644 9.20 26.03 6.27
N ARG A 645 9.88 27.12 6.64
CA ARG A 645 10.39 27.29 7.99
C ARG A 645 9.59 28.37 8.69
N ILE A 646 9.06 28.06 9.88
CA ILE A 646 8.27 29.03 10.64
C ILE A 646 9.17 30.16 11.09
N LYS A 647 8.82 31.38 10.70
CA LYS A 647 9.52 32.58 11.16
C LYS A 647 8.75 33.32 12.24
N GLU A 648 7.42 33.35 12.15
CA GLU A 648 6.60 34.11 13.09
C GLU A 648 5.23 33.47 13.19
N ILE A 649 4.91 32.92 14.35
CA ILE A 649 3.53 32.54 14.66
C ILE A 649 2.84 33.75 15.25
N PHE A 650 1.69 34.12 14.71
CA PHE A 650 1.02 35.31 15.20
C PHE A 650 -0.48 35.20 15.00
N CYS A 651 -1.21 35.95 15.80
CA CYS A 651 -2.65 36.08 15.71
C CYS A 651 -3.04 37.54 15.56
N PRO A 652 -3.93 37.86 14.63
CA PRO A 652 -4.36 39.25 14.49
C PRO A 652 -5.28 39.66 15.63
N LYS A 653 -5.07 40.88 16.12
CA LYS A 653 -5.92 41.41 17.17
C LYS A 653 -7.30 41.77 16.63
N LYS A 654 -8.31 41.60 17.48
CA LYS A 654 -9.68 41.92 17.12
C LYS A 654 -9.97 43.38 17.45
N SER A 655 -11.26 43.75 17.39
CA SER A 655 -11.65 45.11 17.78
C SER A 655 -11.54 45.32 19.28
N ASN A 656 -11.61 44.26 20.07
CA ASN A 656 -11.45 44.36 21.52
C ASN A 656 -9.98 44.45 21.94
N GLY A 657 -9.05 44.64 21.00
CA GLY A 657 -7.65 44.72 21.32
C GLY A 657 -7.01 43.43 21.78
N ARG A 658 -7.76 42.32 21.77
CA ARG A 658 -7.22 41.04 22.20
C ARG A 658 -7.04 40.10 21.02
N PRO A 659 -6.03 39.23 21.04
CA PRO A 659 -5.75 38.39 19.87
C PRO A 659 -6.91 37.48 19.52
N ASN A 660 -7.06 37.23 18.22
CA ASN A 660 -8.03 36.27 17.70
C ASN A 660 -7.37 34.90 17.75
N GLU A 661 -7.55 34.20 18.87
CA GLU A 661 -6.89 32.92 19.09
C GLU A 661 -7.41 31.81 18.19
N THR A 662 -8.42 32.07 17.36
CA THR A 662 -8.88 31.10 16.39
C THR A 662 -8.31 31.34 15.00
N ASP A 663 -7.95 32.57 14.68
CA ASP A 663 -7.40 32.92 13.36
C ASP A 663 -5.88 32.97 13.42
N ILE A 664 -5.28 31.79 13.60
CA ILE A 664 -3.84 31.71 13.80
C ILE A 664 -3.14 31.71 12.44
N LYS A 665 -2.25 32.68 12.23
CA LYS A 665 -1.46 32.80 11.02
C LYS A 665 0.00 32.51 11.34
N ILE A 666 0.72 31.96 10.36
CA ILE A 666 2.16 31.79 10.47
C ILE A 666 2.83 32.47 9.28
N ARG A 667 4.02 32.99 9.52
CA ARG A 667 4.90 33.48 8.47
C ARG A 667 5.99 32.44 8.25
N VAL A 668 6.43 32.32 7.00
CA VAL A 668 7.25 31.20 6.58
C VAL A 668 8.32 31.67 5.61
N ASN A 669 9.56 31.22 5.85
CA ASN A 669 10.59 31.24 4.82
C ASN A 669 10.37 30.07 3.88
N LYS A 670 10.24 30.37 2.59
CA LYS A 670 9.99 29.34 1.59
C LYS A 670 11.25 28.55 1.29
N PHE A 671 11.09 27.26 1.10
CA PHE A 671 12.15 26.41 0.61
C PHE A 671 11.85 26.01 -0.82
N TYR A 672 12.88 25.95 -1.66
CA TYR A 672 12.75 25.49 -3.03
C TYR A 672 13.14 24.02 -3.12
N ARG A 673 12.44 23.28 -3.91
CA ARG A 673 13.05 22.03 -4.32
C ARG A 673 13.81 22.23 -5.62
N PRO A 674 14.78 21.39 -5.93
CA PRO A 674 15.57 21.61 -7.16
C PRO A 674 14.73 21.76 -8.41
N GLU A 675 13.58 21.07 -8.49
CA GLU A 675 12.66 21.25 -9.59
C GLU A 675 11.86 22.54 -9.50
N ASN A 676 11.93 23.26 -8.38
CA ASN A 676 11.23 24.53 -8.26
C ASN A 676 12.04 25.72 -8.78
N THR A 677 13.35 25.57 -8.92
CA THR A 677 14.20 26.66 -9.38
C THR A 677 14.01 26.85 -10.88
N HIS A 678 14.74 27.80 -11.46
CA HIS A 678 14.67 28.01 -12.90
C HIS A 678 15.09 26.74 -13.64
N LYS A 679 16.00 25.97 -13.06
CA LYS A 679 16.27 24.62 -13.54
C LYS A 679 15.12 23.68 -13.22
N SER A 680 14.30 23.34 -14.19
CA SER A 680 13.03 22.65 -13.96
C SER A 680 13.24 21.19 -13.60
N THR A 681 12.18 20.38 -13.77
CA THR A 681 12.19 18.94 -13.51
C THR A 681 13.51 18.23 -13.79
N PRO A 682 14.25 18.50 -14.88
CA PRO A 682 15.57 17.86 -15.04
C PRO A 682 16.49 18.01 -13.85
N ALA A 683 16.32 19.06 -13.03
CA ALA A 683 17.17 19.24 -11.87
C ALA A 683 16.92 18.19 -10.79
N SER A 684 15.79 17.49 -10.85
CA SER A 684 15.47 16.46 -9.87
C SER A 684 16.02 15.08 -10.22
N TYR A 685 16.62 14.93 -11.40
CA TYR A 685 17.03 13.59 -11.84
C TYR A 685 18.12 13.02 -10.94
N HIS A 686 19.14 13.80 -10.64
CA HIS A 686 20.25 13.33 -9.82
C HIS A 686 20.18 13.78 -8.38
N ALA A 687 19.25 14.65 -8.02
CA ALA A 687 19.25 15.25 -6.70
C ALA A 687 18.70 14.28 -5.65
N ASP A 688 19.11 14.51 -4.41
CA ASP A 688 18.54 13.78 -3.28
C ASP A 688 17.05 14.09 -3.15
N ILE A 689 16.27 13.08 -2.81
CA ILE A 689 14.83 13.24 -2.75
C ILE A 689 14.40 14.21 -1.65
N ASN A 690 15.28 14.53 -0.70
CA ASN A 690 14.97 15.42 0.41
C ASN A 690 15.88 16.65 0.42
N LEU A 691 16.40 17.03 -0.73
CA LEU A 691 17.26 18.20 -0.83
C LEU A 691 16.41 19.44 -1.10
N LEU A 692 16.77 20.54 -0.44
CA LEU A 692 16.08 21.80 -0.59
C LEU A 692 17.09 22.92 -0.82
N TYR A 693 16.55 24.10 -1.13
CA TYR A 693 17.32 25.33 -1.28
C TYR A 693 16.66 26.38 -0.40
N TRP A 694 17.45 26.95 0.51
CA TRP A 694 16.95 28.06 1.31
C TRP A 694 16.64 29.25 0.42
N SER A 695 15.59 29.98 0.76
CA SER A 695 15.29 31.23 0.09
C SER A 695 14.94 32.28 1.13
N ASP A 696 15.12 33.54 0.74
CA ASP A 696 14.71 34.66 1.58
C ASP A 696 13.27 35.08 1.33
N GLU A 697 12.59 34.45 0.37
CA GLU A 697 11.20 34.77 0.11
C GLU A 697 10.34 34.28 1.25
N GLU A 698 9.27 35.01 1.53
CA GLU A 698 8.41 34.72 2.67
C GLU A 698 6.96 34.66 2.22
N ALA A 699 6.19 33.87 2.96
CA ALA A 699 4.76 33.74 2.73
C ALA A 699 4.05 33.77 4.07
N VAL A 700 2.75 34.06 4.02
CA VAL A 700 1.90 34.04 5.20
C VAL A 700 0.77 33.06 4.92
N VAL A 701 0.63 32.05 5.78
CA VAL A 701 -0.43 31.08 5.59
C VAL A 701 -1.22 30.95 6.89
N ASP A 702 -2.37 30.29 6.80
CA ASP A 702 -3.17 29.98 7.97
C ASP A 702 -2.65 28.71 8.63
N PHE A 703 -2.68 28.70 9.96
CA PHE A 703 -2.23 27.52 10.71
C PHE A 703 -3.03 26.28 10.33
N LYS A 704 -4.29 26.46 9.93
CA LYS A 704 -5.10 25.33 9.48
C LYS A 704 -4.50 24.64 8.26
N ALA A 705 -3.80 25.39 7.41
CA ALA A 705 -3.24 24.82 6.18
C ALA A 705 -2.08 23.87 6.44
N VAL A 706 -1.40 24.01 7.57
CA VAL A 706 -0.25 23.16 7.87
C VAL A 706 -0.67 21.70 7.86
N GLN A 707 0.05 20.89 7.08
CA GLN A 707 -0.29 19.49 6.88
C GLN A 707 0.58 18.56 7.71
N GLY A 708 1.50 19.10 8.51
CA GLY A 708 2.41 18.29 9.28
C GLY A 708 3.67 19.05 9.60
N ARG A 709 4.39 18.56 10.59
CA ARG A 709 5.68 19.10 10.96
C ARG A 709 6.79 18.32 10.27
N CYS A 710 7.87 19.01 9.94
CA CYS A 710 9.03 18.39 9.33
C CYS A 710 10.29 19.12 9.77
N THR A 711 11.41 18.42 9.63
CA THR A 711 12.72 18.89 10.06
C THR A 711 13.52 19.31 8.83
N VAL A 712 13.88 20.58 8.77
CA VAL A 712 14.68 21.13 7.67
C VAL A 712 15.94 21.71 8.28
N GLU A 713 17.06 21.02 8.08
CA GLU A 713 18.33 21.38 8.69
C GLU A 713 19.30 21.88 7.65
N TYR A 714 20.24 22.72 8.09
CA TYR A 714 21.36 23.09 7.23
C TYR A 714 22.31 21.91 7.15
N GLY A 715 22.80 21.64 5.93
CA GLY A 715 23.49 20.39 5.69
C GLY A 715 24.84 20.31 6.39
N GLU A 716 25.69 21.31 6.20
CA GLU A 716 27.06 21.25 6.68
C GLU A 716 27.20 21.75 8.12
N ASP A 717 26.11 21.78 8.89
CA ASP A 717 26.17 21.98 10.32
C ASP A 717 25.59 20.80 11.09
N LEU A 718 25.26 19.73 10.39
CA LEU A 718 24.80 18.52 11.05
C LEU A 718 25.99 17.74 11.61
N PRO A 719 25.81 17.05 12.73
CA PRO A 719 26.94 16.34 13.34
C PRO A 719 27.42 15.17 12.49
N GLU A 720 26.49 14.35 12.01
CA GLU A 720 26.83 13.23 11.15
C GLU A 720 26.80 13.68 9.69
N CYS A 721 26.98 12.73 8.77
CA CYS A 721 26.79 13.03 7.36
C CYS A 721 25.30 13.26 7.07
N VAL A 722 25.04 14.06 6.03
CA VAL A 722 23.65 14.30 5.64
C VAL A 722 22.98 13.02 5.20
N GLN A 723 23.75 12.06 4.69
CA GLN A 723 23.19 10.77 4.32
C GLN A 723 22.83 9.94 5.55
N VAL A 724 23.55 10.14 6.66
CA VAL A 724 23.18 9.45 7.89
C VAL A 724 22.01 10.15 8.57
N TYR A 725 21.88 11.47 8.39
CA TYR A 725 20.73 12.20 8.91
C TYR A 725 19.46 11.85 8.15
N SER A 726 19.55 11.70 6.83
CA SER A 726 18.36 11.47 6.02
C SER A 726 17.67 10.15 6.37
N MET A 727 18.42 9.14 6.78
CA MET A 727 17.85 7.83 7.10
C MET A 727 17.42 7.70 8.55
N GLY A 728 17.62 8.74 9.37
CA GLY A 728 17.37 8.58 10.80
C GLY A 728 15.89 8.52 11.15
N GLY A 729 15.10 9.41 10.57
CA GLY A 729 13.68 9.46 10.87
C GLY A 729 12.88 10.00 9.70
N PRO A 730 11.57 10.12 9.89
CA PRO A 730 10.72 10.65 8.81
C PRO A 730 10.75 12.17 8.76
N ASN A 731 10.34 12.69 7.62
CA ASN A 731 10.16 14.13 7.41
C ASN A 731 11.48 14.89 7.62
N ARG A 732 12.57 14.36 7.11
CA ARG A 732 13.91 14.93 7.30
C ARG A 732 14.45 15.45 5.98
N PHE A 733 14.62 16.77 5.90
CA PHE A 733 15.14 17.45 4.73
C PHE A 733 16.37 18.25 5.13
N TYR A 734 17.21 18.55 4.14
CA TYR A 734 18.38 19.38 4.38
C TYR A 734 18.58 20.33 3.22
N PHE A 735 19.34 21.40 3.48
CA PHE A 735 19.73 22.35 2.45
C PHE A 735 21.19 22.71 2.64
N LEU A 736 21.91 22.85 1.52
CA LEU A 736 23.30 23.26 1.55
C LEU A 736 23.52 24.64 0.97
N GLU A 737 22.64 25.11 0.08
CA GLU A 737 22.81 26.39 -0.59
C GLU A 737 21.48 27.12 -0.59
N ALA A 738 21.58 28.44 -0.75
CA ALA A 738 20.42 29.29 -0.95
C ALA A 738 20.20 29.52 -2.43
N TYR A 739 19.00 29.96 -2.79
CA TYR A 739 18.65 30.14 -4.19
C TYR A 739 18.10 31.55 -4.40
N ASN A 740 18.87 32.38 -5.11
CA ASN A 740 18.41 33.70 -5.54
C ASN A 740 17.55 33.52 -6.78
N ALA A 741 16.25 33.79 -6.64
CA ALA A 741 15.31 33.50 -7.71
C ALA A 741 15.49 34.44 -8.89
N LYS A 742 15.30 35.74 -8.66
CA LYS A 742 15.37 36.69 -9.77
C LYS A 742 16.79 36.99 -10.21
N SER A 743 17.79 36.55 -9.46
CA SER A 743 19.14 36.42 -9.97
C SER A 743 19.42 35.05 -10.56
N LYS A 744 18.53 34.09 -10.33
CA LYS A 744 18.65 32.72 -10.85
C LYS A 744 20.01 32.12 -10.54
N SER A 745 20.47 32.35 -9.31
CA SER A 745 21.80 31.91 -8.92
C SER A 745 21.71 31.12 -7.62
N PHE A 746 22.80 30.45 -7.28
CA PHE A 746 22.91 29.70 -6.04
C PHE A 746 23.97 30.33 -5.15
N GLU A 747 23.70 30.34 -3.85
CA GLU A 747 24.43 31.11 -2.87
C GLU A 747 24.78 30.25 -1.68
N ASP A 748 25.64 30.78 -0.83
CA ASP A 748 25.76 30.19 0.49
C ASP A 748 24.66 30.76 1.39
N PRO A 749 24.05 29.94 2.25
CA PRO A 749 22.92 30.42 3.04
C PRO A 749 23.37 31.48 4.02
N PRO A 750 22.50 32.42 4.37
CA PRO A 750 22.84 33.39 5.41
C PRO A 750 22.91 32.74 6.77
N ASN A 751 23.55 33.44 7.70
CA ASN A 751 23.73 32.87 9.03
C ASN A 751 22.43 32.83 9.83
N HIS A 752 21.42 33.61 9.44
CA HIS A 752 20.14 33.50 10.15
C HIS A 752 19.32 32.33 9.66
N ALA A 753 19.93 31.42 8.91
CA ALA A 753 19.32 30.17 8.47
C ALA A 753 20.04 28.94 8.99
N ARG A 754 21.30 29.07 9.41
CA ARG A 754 22.04 27.97 10.01
C ARG A 754 21.85 28.06 11.52
N SER A 755 21.10 27.10 12.06
CA SER A 755 20.74 27.10 13.49
C SER A 755 20.01 28.39 13.85
N LEU A 786 15.25 -2.04 21.89
CA LEU A 786 14.03 -2.81 21.71
C LEU A 786 14.30 -4.10 20.94
N PRO A 787 13.89 -5.23 21.52
CA PRO A 787 14.17 -6.53 20.90
C PRO A 787 13.25 -6.79 19.71
N LYS A 788 13.84 -7.25 18.62
CA LYS A 788 13.10 -7.53 17.39
C LYS A 788 12.12 -8.68 17.60
N LEU A 789 10.98 -8.58 16.93
CA LEU A 789 9.98 -9.63 16.99
C LEU A 789 10.53 -10.92 16.37
N ARG A 790 10.04 -12.06 16.84
CA ARG A 790 10.32 -13.33 16.21
C ARG A 790 9.23 -13.60 15.20
N THR A 791 9.60 -13.68 13.92
CA THR A 791 8.64 -13.62 12.84
C THR A 791 8.61 -14.91 12.06
N LEU A 792 7.39 -15.36 11.75
CA LEU A 792 7.13 -16.52 10.91
C LEU A 792 6.46 -16.03 9.63
N ASP A 793 7.11 -16.26 8.49
CA ASP A 793 6.63 -15.82 7.18
C ASP A 793 6.08 -17.01 6.43
N VAL A 794 4.77 -17.13 6.38
CA VAL A 794 4.12 -18.20 5.62
C VAL A 794 3.92 -17.72 4.20
N PHE A 795 4.24 -18.58 3.23
CA PHE A 795 4.31 -18.22 1.82
C PHE A 795 5.29 -17.05 1.62
N SER A 796 6.54 -17.35 1.98
CA SER A 796 7.57 -16.32 2.07
C SER A 796 8.02 -15.80 0.71
N GLY A 797 8.10 -16.68 -0.29
CA GLY A 797 8.65 -16.26 -1.56
C GLY A 797 10.14 -16.03 -1.45
N CYS A 798 10.66 -15.15 -2.31
CA CYS A 798 12.06 -14.78 -2.21
C CYS A 798 12.34 -13.88 -1.01
N GLY A 799 11.32 -13.23 -0.47
CA GLY A 799 11.45 -12.56 0.81
C GLY A 799 11.27 -11.06 0.83
N GLY A 800 10.42 -10.53 -0.05
CA GLY A 800 10.23 -9.08 -0.11
C GLY A 800 9.62 -8.52 1.16
N LEU A 801 8.63 -9.22 1.72
CA LEU A 801 8.01 -8.78 2.96
C LEU A 801 8.99 -8.84 4.12
N SER A 802 9.71 -9.95 4.25
CA SER A 802 10.74 -10.06 5.28
C SER A 802 11.83 -9.02 5.08
N GLU A 803 12.17 -8.68 3.84
CA GLU A 803 13.18 -7.66 3.58
C GLU A 803 12.72 -6.29 4.05
N GLY A 804 11.51 -5.90 3.66
CA GLY A 804 10.95 -4.64 4.12
C GLY A 804 10.83 -4.56 5.64
N PHE A 805 10.44 -5.67 6.27
CA PHE A 805 10.35 -5.70 7.72
C PHE A 805 11.72 -5.61 8.37
N HIS A 806 12.72 -6.27 7.77
CA HIS A 806 14.08 -6.21 8.31
C HIS A 806 14.64 -4.80 8.26
N GLN A 807 14.43 -4.10 7.15
CA GLN A 807 14.97 -2.76 7.06
C GLN A 807 14.18 -1.75 7.88
N ALA A 808 12.99 -2.13 8.37
CA ALA A 808 12.28 -1.30 9.34
C ALA A 808 12.73 -1.57 10.78
N GLY A 809 13.54 -2.60 11.00
CA GLY A 809 14.11 -2.88 12.30
C GLY A 809 13.16 -3.46 13.32
N ILE A 810 12.04 -4.03 12.88
CA ILE A 810 11.04 -4.53 13.81
C ILE A 810 11.10 -6.03 14.02
N SER A 811 11.72 -6.77 13.11
CA SER A 811 11.45 -8.19 13.01
C SER A 811 12.73 -8.94 12.70
N ASP A 812 12.70 -10.23 13.05
CA ASP A 812 13.74 -11.18 12.70
C ASP A 812 12.98 -12.43 12.25
N THR A 813 12.97 -12.67 10.95
CA THR A 813 12.26 -13.84 10.41
C THR A 813 13.07 -15.08 10.74
N LEU A 814 12.56 -15.88 11.68
CA LEU A 814 13.27 -17.08 12.10
C LEU A 814 12.78 -18.32 11.38
N TRP A 815 11.60 -18.27 10.76
CA TRP A 815 11.03 -19.41 10.07
C TRP A 815 10.32 -18.90 8.83
N ALA A 816 10.51 -19.61 7.73
CA ALA A 816 9.83 -19.32 6.48
C ALA A 816 9.29 -20.62 5.91
N ILE A 817 8.08 -20.58 5.39
CA ILE A 817 7.46 -21.72 4.72
C ILE A 817 7.20 -21.33 3.28
N GLU A 818 7.74 -22.13 2.35
CA GLU A 818 7.67 -21.80 0.93
C GLU A 818 7.83 -23.10 0.16
N MET A 819 6.76 -23.54 -0.52
CA MET A 819 6.79 -24.84 -1.19
C MET A 819 7.66 -24.80 -2.45
N TRP A 820 7.57 -23.74 -3.23
CA TRP A 820 8.33 -23.61 -4.47
C TRP A 820 9.81 -23.50 -4.17
N ASP A 821 10.61 -24.41 -4.73
CA ASP A 821 12.00 -24.56 -4.33
C ASP A 821 12.89 -23.39 -4.72
N PRO A 822 12.82 -22.84 -5.93
CA PRO A 822 13.63 -21.65 -6.24
C PRO A 822 13.37 -20.45 -5.32
N ALA A 823 12.11 -20.15 -5.00
CA ALA A 823 11.83 -19.04 -4.09
C ALA A 823 12.37 -19.31 -2.70
N ALA A 824 12.27 -20.56 -2.22
CA ALA A 824 12.82 -20.89 -0.91
C ALA A 824 14.35 -20.80 -0.92
N GLN A 825 15.00 -21.20 -2.02
CA GLN A 825 16.44 -21.06 -2.13
C GLN A 825 16.85 -19.60 -2.13
N ALA A 826 16.06 -18.74 -2.79
CA ALA A 826 16.37 -17.31 -2.76
C ALA A 826 16.21 -16.74 -1.35
N PHE A 827 15.17 -17.18 -0.64
CA PHE A 827 15.00 -16.76 0.75
C PHE A 827 16.21 -17.17 1.60
N ARG A 828 16.68 -18.40 1.42
CA ARG A 828 17.86 -18.84 2.15
C ARG A 828 19.08 -18.01 1.76
N LEU A 829 19.19 -17.65 0.49
CA LEU A 829 20.30 -16.82 0.02
C LEU A 829 20.25 -15.42 0.61
N ASN A 830 19.06 -14.95 0.99
CA ASN A 830 18.93 -13.61 1.56
C ASN A 830 18.80 -13.60 3.08
N ASN A 831 18.53 -14.74 3.70
CA ASN A 831 18.32 -14.83 5.14
C ASN A 831 19.11 -16.01 5.67
N PRO A 832 20.42 -15.84 5.86
CA PRO A 832 21.26 -16.96 6.30
C PRO A 832 20.92 -17.48 7.69
N GLY A 833 20.28 -16.67 8.53
CA GLY A 833 19.97 -17.09 9.88
C GLY A 833 18.54 -17.58 10.06
N SER A 834 17.83 -17.75 8.95
CA SER A 834 16.43 -18.16 8.96
C SER A 834 16.32 -19.65 8.70
N THR A 835 15.21 -20.23 9.13
CA THR A 835 14.87 -21.63 8.83
C THR A 835 13.78 -21.62 7.78
N VAL A 836 14.05 -22.23 6.63
CA VAL A 836 13.13 -22.27 5.52
C VAL A 836 12.66 -23.70 5.34
N PHE A 837 11.37 -23.93 5.59
CA PHE A 837 10.75 -25.23 5.35
C PHE A 837 10.25 -25.25 3.92
N THR A 838 10.86 -26.10 3.09
CA THR A 838 10.46 -26.27 1.69
C THR A 838 9.34 -27.31 1.62
N GLU A 839 8.18 -26.90 2.09
CA GLU A 839 7.12 -27.86 2.38
C GLU A 839 5.77 -27.18 2.27
N ASP A 840 4.75 -27.97 1.98
CA ASP A 840 3.39 -27.48 2.03
C ASP A 840 3.07 -27.00 3.45
N CYS A 841 2.39 -25.85 3.53
CA CYS A 841 2.09 -25.27 4.84
C CYS A 841 1.10 -26.12 5.62
N ASN A 842 0.21 -26.82 4.93
CA ASN A 842 -0.79 -27.66 5.61
C ASN A 842 -0.11 -28.83 6.31
N ILE A 843 0.88 -29.44 5.67
CA ILE A 843 1.60 -30.57 6.26
C ILE A 843 2.32 -30.12 7.52
N LEU A 844 2.97 -28.96 7.46
CA LEU A 844 3.71 -28.46 8.61
C LEU A 844 2.76 -28.09 9.75
N LEU A 845 1.60 -27.51 9.42
CA LEU A 845 0.63 -27.19 10.46
C LEU A 845 0.11 -28.46 11.14
N LYS A 846 -0.19 -29.49 10.35
CA LYS A 846 -0.61 -30.76 10.95
C LYS A 846 0.48 -31.34 11.82
N LEU A 847 1.74 -31.26 11.38
CA LEU A 847 2.84 -31.75 12.19
C LEU A 847 2.92 -31.02 13.53
N VAL A 848 2.79 -29.69 13.51
CA VAL A 848 2.95 -28.95 14.76
C VAL A 848 1.75 -29.10 15.68
N MET A 849 0.54 -29.24 15.13
CA MET A 849 -0.62 -29.46 16.00
C MET A 849 -0.56 -30.78 16.73
N ALA A 850 0.44 -31.62 16.43
CA ALA A 850 0.85 -32.73 17.27
C ALA A 850 2.26 -32.44 17.78
N GLY A 851 2.66 -33.16 18.82
CA GLY A 851 3.97 -32.92 19.39
C GLY A 851 5.10 -33.46 18.53
N GLU A 852 5.29 -32.90 17.34
CA GLU A 852 6.27 -33.44 16.40
C GLU A 852 7.68 -32.89 16.63
N THR A 853 7.81 -31.58 16.79
CA THR A 853 9.06 -30.92 17.18
C THR A 853 10.07 -30.91 16.03
N THR A 854 9.79 -31.64 14.96
CA THR A 854 10.76 -31.82 13.89
C THR A 854 10.07 -32.46 12.70
N ASN A 855 10.38 -31.95 11.51
CA ASN A 855 9.86 -32.50 10.27
C ASN A 855 10.77 -33.64 9.80
N SER A 856 10.47 -34.19 8.63
CA SER A 856 11.21 -35.34 8.14
C SER A 856 12.68 -35.01 7.87
N ARG A 857 13.03 -33.73 7.74
CA ARG A 857 14.39 -33.35 7.40
C ARG A 857 15.28 -33.19 8.63
N GLY A 858 14.71 -32.92 9.80
CA GLY A 858 15.50 -32.55 10.96
C GLY A 858 15.56 -31.05 11.11
N GLN A 859 14.43 -30.38 10.95
CA GLN A 859 14.31 -28.94 11.12
C GLN A 859 13.33 -28.68 12.24
N ARG A 860 13.77 -27.97 13.27
CA ARG A 860 12.95 -27.76 14.46
C ARG A 860 11.84 -26.75 14.19
N LEU A 861 10.60 -27.23 14.20
CA LEU A 861 9.36 -26.50 13.99
C LEU A 861 9.10 -25.53 15.13
N PRO A 862 8.51 -24.37 14.86
CA PRO A 862 8.17 -23.45 15.95
C PRO A 862 6.98 -23.94 16.76
N GLN A 863 7.02 -23.67 18.06
CA GLN A 863 5.95 -24.02 18.97
C GLN A 863 5.27 -22.76 19.50
N LYS A 864 4.10 -22.95 20.12
CA LYS A 864 3.38 -21.81 20.67
C LYS A 864 4.22 -21.11 21.73
N GLY A 865 4.25 -19.79 21.66
CA GLY A 865 5.16 -18.98 22.44
C GLY A 865 6.38 -18.52 21.67
N ASP A 866 6.80 -19.29 20.66
CA ASP A 866 7.96 -18.94 19.86
C ASP A 866 7.63 -17.88 18.81
N VAL A 867 6.42 -17.89 18.27
CA VAL A 867 6.04 -16.99 17.18
C VAL A 867 5.45 -15.73 17.80
N GLU A 868 6.15 -14.60 17.62
CA GLU A 868 5.66 -13.31 18.08
C GLU A 868 4.89 -12.58 16.98
N MET A 869 5.29 -12.75 15.73
CA MET A 869 4.63 -12.08 14.62
C MET A 869 4.45 -13.08 13.48
N LEU A 870 3.26 -13.08 12.90
CA LEU A 870 2.94 -13.97 11.79
C LEU A 870 2.61 -13.10 10.59
N CYS A 871 3.40 -13.23 9.53
CA CYS A 871 3.12 -12.48 8.32
C CYS A 871 3.04 -13.42 7.14
N GLY A 872 2.39 -12.94 6.09
CA GLY A 872 2.36 -13.72 4.88
C GLY A 872 1.47 -13.17 3.79
N GLY A 873 1.88 -13.42 2.56
CA GLY A 873 0.99 -13.26 1.43
C GLY A 873 0.59 -14.61 0.91
N PRO A 874 -0.62 -15.05 1.26
CA PRO A 874 -1.17 -16.27 0.67
C PRO A 874 -1.29 -16.12 -0.83
N PRO A 875 -1.32 -17.22 -1.57
CA PRO A 875 -1.42 -17.14 -3.03
C PRO A 875 -2.52 -16.19 -3.48
N CYS A 876 -2.23 -15.43 -4.52
CA CYS A 876 -3.16 -14.45 -5.06
C CYS A 876 -3.81 -14.88 -6.35
N GLN A 877 -3.31 -15.96 -6.96
CA GLN A 877 -3.75 -16.36 -8.29
C GLN A 877 -5.26 -16.53 -8.38
N GLY A 878 -5.87 -17.16 -7.37
CA GLY A 878 -7.30 -17.34 -7.39
C GLY A 878 -8.10 -16.10 -7.05
N PHE A 879 -7.46 -15.09 -6.45
CA PHE A 879 -8.13 -13.83 -6.16
C PHE A 879 -7.89 -12.79 -7.24
N SER A 880 -6.80 -12.90 -7.99
CA SER A 880 -6.46 -11.89 -8.99
C SER A 880 -7.51 -11.81 -10.09
N GLY A 881 -7.89 -10.59 -10.45
CA GLY A 881 -8.84 -10.35 -11.52
C GLY A 881 -8.33 -10.71 -12.90
N MET A 882 -7.04 -11.02 -13.04
CA MET A 882 -6.51 -11.55 -14.28
C MET A 882 -6.87 -13.02 -14.49
N ASN A 883 -7.23 -13.73 -13.42
CA ASN A 883 -7.54 -15.16 -13.47
C ASN A 883 -8.97 -15.34 -13.95
N ARG A 884 -9.15 -15.81 -15.18
CA ARG A 884 -10.47 -16.04 -15.73
C ARG A 884 -10.97 -17.47 -15.52
N PHE A 885 -10.26 -18.26 -14.72
CA PHE A 885 -10.66 -19.62 -14.34
C PHE A 885 -10.72 -19.75 -12.83
N ASN A 886 -11.20 -18.71 -12.14
CA ASN A 886 -11.14 -18.67 -10.69
C ASN A 886 -12.23 -19.51 -10.02
N SER A 887 -13.15 -20.08 -10.79
CA SER A 887 -14.18 -20.96 -10.24
C SER A 887 -13.80 -22.43 -10.31
N ARG A 888 -12.61 -22.75 -10.81
CA ARG A 888 -12.20 -24.13 -10.95
C ARG A 888 -11.36 -24.57 -9.75
N THR A 889 -11.20 -25.89 -9.63
CA THR A 889 -10.61 -26.47 -8.43
C THR A 889 -9.21 -25.96 -8.15
N TYR A 890 -8.43 -25.67 -9.19
CA TYR A 890 -7.11 -25.10 -9.01
C TYR A 890 -7.18 -23.80 -8.20
N SER A 891 -8.03 -22.86 -8.64
CA SER A 891 -8.16 -21.60 -7.92
C SER A 891 -8.89 -21.78 -6.60
N LYS A 892 -9.84 -22.72 -6.51
CA LYS A 892 -10.48 -23.01 -5.24
C LYS A 892 -9.45 -23.38 -4.18
N PHE A 893 -8.54 -24.29 -4.53
CA PHE A 893 -7.53 -24.71 -3.56
C PHE A 893 -6.50 -23.60 -3.31
N LYS A 894 -6.17 -22.80 -4.32
CA LYS A 894 -5.31 -21.66 -4.09
C LYS A 894 -5.93 -20.70 -3.07
N ASN A 895 -7.22 -20.40 -3.23
CA ASN A 895 -7.90 -19.49 -2.32
C ASN A 895 -8.09 -20.09 -0.93
N SER A 896 -8.18 -21.42 -0.82
CA SER A 896 -8.38 -22.06 0.47
C SER A 896 -7.18 -21.91 1.40
N LEU A 897 -6.02 -21.46 0.90
CA LEU A 897 -4.84 -21.31 1.74
C LEU A 897 -4.95 -20.13 2.71
N VAL A 898 -5.91 -19.23 2.50
CA VAL A 898 -6.21 -18.22 3.51
C VAL A 898 -6.66 -18.89 4.81
N VAL A 899 -7.42 -19.99 4.70
CA VAL A 899 -7.85 -20.72 5.88
C VAL A 899 -6.66 -21.35 6.59
N SER A 900 -5.70 -21.85 5.82
CA SER A 900 -4.46 -22.36 6.41
C SER A 900 -3.76 -21.25 7.19
N PHE A 901 -3.61 -20.08 6.58
CA PHE A 901 -2.93 -18.97 7.23
C PHE A 901 -3.64 -18.57 8.52
N LEU A 902 -4.97 -18.46 8.48
CA LEU A 902 -5.72 -18.12 9.67
C LEU A 902 -5.62 -19.20 10.74
N SER A 903 -5.50 -20.47 10.33
CA SER A 903 -5.29 -21.54 11.30
C SER A 903 -3.93 -21.43 11.96
N TYR A 904 -2.92 -21.02 11.20
CA TYR A 904 -1.62 -20.71 11.79
C TYR A 904 -1.75 -19.63 12.85
N CYS A 905 -2.47 -18.56 12.51
CA CYS A 905 -2.65 -17.45 13.46
C CYS A 905 -3.44 -17.89 14.69
N ASP A 906 -4.42 -18.77 14.50
CA ASP A 906 -5.21 -19.29 15.61
C ASP A 906 -4.37 -20.16 16.53
N TYR A 907 -3.51 -21.01 15.95
CA TYR A 907 -2.73 -21.91 16.77
C TYR A 907 -1.62 -21.17 17.52
N TYR A 908 -0.91 -20.28 16.84
CA TYR A 908 0.29 -19.70 17.42
C TYR A 908 0.03 -18.46 18.27
N ARG A 909 -1.10 -17.80 18.10
CA ARG A 909 -1.47 -16.61 18.84
C ARG A 909 -0.35 -15.56 18.89
N PRO A 910 0.16 -15.13 17.75
CA PRO A 910 1.26 -14.15 17.76
C PRO A 910 0.76 -12.78 18.19
N ARG A 911 1.71 -11.93 18.57
CA ARG A 911 1.36 -10.56 18.96
C ARG A 911 0.79 -9.78 17.79
N PHE A 912 1.33 -9.99 16.60
CA PHE A 912 0.89 -9.29 15.40
C PHE A 912 0.67 -10.27 14.26
N PHE A 913 -0.24 -9.89 13.37
CA PHE A 913 -0.69 -10.71 12.25
C PHE A 913 -0.82 -9.82 11.03
N LEU A 914 -0.24 -10.25 9.90
CA LEU A 914 -0.28 -9.49 8.66
C LEU A 914 -0.62 -10.42 7.50
N LEU A 915 -1.70 -10.11 6.80
CA LEU A 915 -2.08 -10.81 5.58
C LEU A 915 -2.01 -9.85 4.41
N GLU A 916 -1.16 -10.14 3.44
CA GLU A 916 -1.09 -9.38 2.21
C GLU A 916 -1.77 -10.16 1.08
N ASN A 917 -2.52 -9.45 0.24
CA ASN A 917 -3.07 -10.06 -0.96
C ASN A 917 -3.26 -8.98 -2.01
N VAL A 918 -3.68 -9.41 -3.21
CA VAL A 918 -4.04 -8.44 -4.23
C VAL A 918 -5.28 -7.67 -3.77
N ARG A 919 -5.49 -6.50 -4.39
CA ARG A 919 -6.62 -5.66 -4.02
C ARG A 919 -7.93 -6.42 -4.09
N ASN A 920 -8.08 -7.29 -5.09
CA ASN A 920 -9.31 -8.03 -5.31
C ASN A 920 -9.69 -8.94 -4.17
N PHE A 921 -8.79 -9.15 -3.20
CA PHE A 921 -9.13 -9.93 -2.02
C PHE A 921 -10.26 -9.30 -1.22
N VAL A 922 -10.34 -7.98 -1.19
CA VAL A 922 -11.36 -7.32 -0.37
C VAL A 922 -12.74 -7.44 -0.96
N SER A 923 -12.86 -7.73 -2.25
CA SER A 923 -14.15 -7.77 -2.92
C SER A 923 -14.51 -9.13 -3.49
N PHE A 924 -13.62 -10.11 -3.43
CA PHE A 924 -13.88 -11.44 -3.97
C PHE A 924 -15.08 -12.09 -3.28
N LYS A 925 -16.02 -12.58 -4.09
CA LYS A 925 -17.24 -13.24 -3.60
C LYS A 925 -18.03 -12.33 -2.66
N ARG A 926 -18.35 -11.13 -3.13
CA ARG A 926 -19.10 -10.15 -2.34
C ARG A 926 -18.44 -9.88 -1.00
N SER A 927 -17.11 -9.86 -0.99
CA SER A 927 -16.31 -9.63 0.22
C SER A 927 -16.55 -10.70 1.27
N MET A 928 -16.91 -11.92 0.86
CA MET A 928 -17.17 -12.97 1.85
C MET A 928 -15.88 -13.52 2.43
N VAL A 929 -14.82 -13.64 1.62
CA VAL A 929 -13.55 -14.12 2.16
C VAL A 929 -13.00 -13.14 3.18
N LEU A 930 -13.06 -11.83 2.87
CA LEU A 930 -12.58 -10.83 3.81
C LEU A 930 -13.44 -10.80 5.06
N LYS A 931 -14.76 -10.83 4.89
CA LYS A 931 -15.66 -10.86 6.04
C LYS A 931 -15.38 -12.07 6.93
N LEU A 932 -15.11 -13.22 6.32
CA LEU A 932 -14.86 -14.43 7.10
C LEU A 932 -13.49 -14.39 7.78
N THR A 933 -12.50 -13.78 7.14
CA THR A 933 -11.20 -13.59 7.79
C THR A 933 -11.35 -12.69 9.02
N LEU A 934 -12.03 -11.55 8.86
CA LEU A 934 -12.23 -10.66 10.01
C LEU A 934 -13.08 -11.30 11.09
N ARG A 935 -14.07 -12.11 10.69
CA ARG A 935 -14.90 -12.82 11.68
C ARG A 935 -14.06 -13.81 12.47
N CYS A 936 -13.21 -14.58 11.77
CA CYS A 936 -12.32 -15.50 12.46
C CYS A 936 -11.41 -14.76 13.44
N LEU A 937 -10.85 -13.62 13.00
CA LEU A 937 -9.94 -12.87 13.86
C LEU A 937 -10.65 -12.33 15.10
N VAL A 938 -11.86 -11.81 14.94
CA VAL A 938 -12.64 -11.33 16.08
C VAL A 938 -13.01 -12.49 17.01
N ARG A 939 -13.42 -13.62 16.44
CA ARG A 939 -13.73 -14.80 17.24
C ARG A 939 -12.53 -15.26 18.05
N MET A 940 -11.32 -15.13 17.50
CA MET A 940 -10.12 -15.39 18.29
C MET A 940 -9.91 -14.37 19.40
N GLY A 941 -10.50 -13.18 19.27
CA GLY A 941 -10.27 -12.11 20.21
C GLY A 941 -9.22 -11.12 19.78
N TYR A 942 -8.86 -11.09 18.50
CA TYR A 942 -7.87 -10.15 17.99
C TYR A 942 -8.51 -8.80 17.74
N GLN A 943 -7.74 -7.75 17.98
CA GLN A 943 -8.03 -6.47 17.36
C GLN A 943 -7.61 -6.54 15.91
N CYS A 944 -8.48 -6.13 14.99
CA CYS A 944 -8.17 -6.33 13.58
C CYS A 944 -8.70 -5.17 12.75
N THR A 945 -8.08 -4.99 11.60
CA THR A 945 -8.48 -3.98 10.63
C THR A 945 -7.96 -4.39 9.26
N PHE A 946 -8.52 -3.77 8.23
CA PHE A 946 -8.10 -4.03 6.85
C PHE A 946 -8.01 -2.71 6.10
N GLY A 947 -7.24 -2.72 5.02
CA GLY A 947 -7.11 -1.57 4.16
C GLY A 947 -6.50 -1.95 2.83
N VAL A 948 -6.43 -0.98 1.93
CA VAL A 948 -5.78 -1.13 0.64
C VAL A 948 -4.71 -0.06 0.53
N LEU A 949 -3.50 -0.47 0.16
CA LEU A 949 -2.37 0.45 0.00
C LEU A 949 -1.87 0.43 -1.44
N GLN A 950 -1.27 1.55 -1.85
CA GLN A 950 -0.63 1.69 -3.15
C GLN A 950 0.87 1.73 -2.95
N ALA A 951 1.58 0.77 -3.54
CA ALA A 951 3.03 0.68 -3.35
C ALA A 951 3.75 1.91 -3.86
N GLY A 952 3.26 2.52 -4.94
CA GLY A 952 3.92 3.69 -5.50
C GLY A 952 4.01 4.84 -4.53
N GLN A 953 3.08 4.93 -3.58
CA GLN A 953 3.12 5.98 -2.57
C GLN A 953 4.17 5.75 -1.51
N TYR A 954 5.00 4.72 -1.63
CA TYR A 954 6.04 4.44 -0.64
C TYR A 954 7.42 4.33 -1.27
N GLY A 955 7.56 4.63 -2.55
CA GLY A 955 8.87 4.77 -3.13
C GLY A 955 9.27 3.79 -4.22
N VAL A 956 8.31 3.31 -5.00
CA VAL A 956 8.63 2.55 -6.21
C VAL A 956 7.91 3.20 -7.37
N ALA A 957 8.49 3.03 -8.56
CA ALA A 957 7.89 3.54 -9.80
C ALA A 957 6.96 2.48 -10.39
N GLN A 958 5.96 2.11 -9.61
CA GLN A 958 5.06 1.04 -9.98
C GLN A 958 3.71 1.25 -9.31
N THR A 959 2.65 1.06 -10.08
CA THR A 959 1.30 1.01 -9.52
C THR A 959 1.03 -0.43 -9.08
N ARG A 960 0.77 -0.61 -7.78
CA ARG A 960 0.58 -1.94 -7.22
C ARG A 960 -0.30 -1.79 -5.98
N ARG A 961 -1.60 -2.04 -6.15
CA ARG A 961 -2.55 -1.93 -5.05
C ARG A 961 -2.67 -3.28 -4.35
N ARG A 962 -2.44 -3.28 -3.04
CA ARG A 962 -2.46 -4.51 -2.26
C ARG A 962 -3.37 -4.34 -1.05
N ALA A 963 -4.16 -5.38 -0.79
CA ALA A 963 -4.96 -5.46 0.41
C ALA A 963 -4.11 -5.95 1.57
N ILE A 964 -4.27 -5.30 2.72
CA ILE A 964 -3.51 -5.61 3.92
C ILE A 964 -4.50 -5.80 5.06
N ILE A 965 -4.40 -6.93 5.76
CA ILE A 965 -5.15 -7.19 6.97
C ILE A 965 -4.16 -7.20 8.13
N LEU A 966 -4.40 -6.33 9.11
CA LEU A 966 -3.57 -6.22 10.29
C LEU A 966 -4.34 -6.68 11.51
N ALA A 967 -3.68 -7.38 12.41
CA ALA A 967 -4.31 -7.79 13.66
C ALA A 967 -3.28 -7.79 14.78
N ALA A 968 -3.77 -7.49 15.98
CA ALA A 968 -2.93 -7.40 17.16
C ALA A 968 -3.62 -8.11 18.32
N ALA A 969 -2.80 -8.70 19.18
CA ALA A 969 -3.29 -9.41 20.36
C ALA A 969 -3.97 -8.43 21.32
N PRO A 970 -4.85 -8.92 22.19
CA PRO A 970 -5.61 -8.03 23.08
C PRO A 970 -4.76 -7.01 23.83
N GLY A 971 -3.62 -7.42 24.39
CA GLY A 971 -2.79 -6.50 25.12
C GLY A 971 -1.99 -5.50 24.29
N GLU A 972 -1.99 -5.64 22.98
CA GLU A 972 -1.20 -4.79 22.10
C GLU A 972 -1.99 -3.58 21.63
N LYS A 973 -1.29 -2.66 21.00
CA LYS A 973 -1.90 -1.60 20.22
C LYS A 973 -2.10 -2.09 18.79
N LEU A 974 -3.25 -1.75 18.21
CA LEU A 974 -3.51 -2.07 16.83
C LEU A 974 -2.81 -1.05 15.92
N PRO A 975 -1.89 -1.48 15.07
CA PRO A 975 -1.18 -0.51 14.23
C PRO A 975 -2.10 0.21 13.25
N LEU A 976 -1.76 1.46 12.99
CA LEU A 976 -2.36 2.22 11.90
C LEU A 976 -1.65 1.90 10.59
N PHE A 977 -2.33 2.18 9.49
CA PHE A 977 -1.68 2.05 8.20
C PHE A 977 -0.78 3.26 7.93
N PRO A 978 0.30 3.07 7.17
CA PRO A 978 1.30 4.13 7.02
C PRO A 978 0.84 5.25 6.10
N GLU A 979 1.25 6.46 6.43
CA GLU A 979 1.01 7.61 5.58
C GLU A 979 1.83 7.50 4.29
N PRO A 980 1.27 7.91 3.15
CA PRO A 980 2.05 7.95 1.91
C PRO A 980 3.26 8.88 2.02
N LEU A 981 4.39 8.40 1.51
CA LEU A 981 5.61 9.19 1.48
C LEU A 981 5.82 9.90 0.15
N HIS A 982 5.39 9.31 -0.96
CA HIS A 982 5.58 9.88 -2.29
C HIS A 982 4.24 10.15 -2.92
N VAL A 983 4.14 11.30 -3.58
CA VAL A 983 2.98 11.57 -4.44
C VAL A 983 2.93 10.51 -5.53
N PHE A 984 1.71 10.18 -5.97
CA PHE A 984 1.53 9.21 -7.03
C PHE A 984 0.29 9.62 -7.83
N ALA A 985 0.17 9.04 -9.02
CA ALA A 985 -0.94 9.38 -9.90
C ALA A 985 -2.27 9.05 -9.23
N PRO A 986 -3.25 9.95 -9.31
CA PRO A 986 -4.51 9.73 -8.58
C PRO A 986 -5.31 8.53 -9.07
N ARG A 987 -5.28 8.22 -10.36
CA ARG A 987 -6.02 7.06 -10.87
C ARG A 987 -5.51 5.76 -10.26
N ALA A 988 -4.22 5.70 -9.92
CA ALA A 988 -3.63 4.54 -9.27
C ALA A 988 -3.82 4.53 -7.76
N CYS A 989 -4.52 5.51 -7.19
CA CYS A 989 -4.67 5.66 -5.75
C CYS A 989 -6.12 5.56 -5.32
N GLN A 990 -6.85 4.60 -5.87
CA GLN A 990 -8.23 4.33 -5.46
C GLN A 990 -8.20 3.23 -4.40
N LEU A 991 -8.31 3.61 -3.14
CA LEU A 991 -8.02 2.71 -2.04
C LEU A 991 -9.22 2.36 -1.16
N SER A 992 -10.39 2.93 -1.42
CA SER A 992 -11.58 2.64 -0.63
C SER A 992 -12.18 1.30 -1.01
N VAL A 993 -12.94 0.72 -0.07
CA VAL A 993 -13.50 -0.61 -0.24
C VAL A 993 -14.99 -0.56 0.06
N VAL A 994 -15.80 -1.17 -0.79
CA VAL A 994 -17.24 -1.25 -0.57
C VAL A 994 -17.59 -2.68 -0.16
N VAL A 995 -18.06 -2.83 1.08
CA VAL A 995 -18.49 -4.12 1.61
C VAL A 995 -19.97 -4.00 1.96
N ASP A 996 -20.79 -4.85 1.35
CA ASP A 996 -22.26 -4.81 1.49
C ASP A 996 -22.77 -3.36 1.40
N ASP A 997 -22.46 -2.73 0.27
CA ASP A 997 -22.78 -1.34 -0.04
C ASP A 997 -22.53 -0.39 1.13
N LYS A 998 -21.40 -0.59 1.82
CA LYS A 998 -20.90 0.40 2.77
C LYS A 998 -19.43 0.64 2.52
N LYS A 999 -19.03 1.91 2.50
CA LYS A 999 -17.67 2.32 2.16
C LYS A 999 -16.78 2.30 3.40
N PHE A 1000 -15.55 1.81 3.21
CA PHE A 1000 -14.56 1.70 4.26
C PHE A 1000 -13.24 2.22 3.74
N VAL A 1001 -12.64 3.14 4.49
CA VAL A 1001 -11.34 3.71 4.16
C VAL A 1001 -10.38 3.40 5.30
N SER A 1002 -9.10 3.46 5.00
CA SER A 1002 -8.11 3.32 6.06
C SER A 1002 -7.94 4.65 6.80
N ASN A 1003 -7.06 4.67 7.78
CA ASN A 1003 -6.82 5.86 8.58
C ASN A 1003 -6.02 6.93 7.85
N ILE A 1004 -5.65 6.71 6.59
CA ILE A 1004 -4.72 7.59 5.91
C ILE A 1004 -5.34 8.96 5.68
N THR A 1005 -4.59 10.01 6.00
CA THR A 1005 -5.02 11.38 5.76
C THR A 1005 -4.37 12.03 4.55
N ARG A 1006 -3.15 11.62 4.19
CA ARG A 1006 -2.44 12.17 3.04
C ARG A 1006 -3.07 11.62 1.76
N LEU A 1007 -4.21 12.18 1.40
CA LEU A 1007 -4.94 11.70 0.23
C LEU A 1007 -4.28 12.14 -1.06
N SER A 1008 -4.07 13.44 -1.23
CA SER A 1008 -3.57 13.97 -2.50
C SER A 1008 -2.06 14.13 -2.52
N SER A 1009 -1.51 14.96 -1.64
CA SER A 1009 -0.10 15.32 -1.71
C SER A 1009 0.73 14.44 -0.78
N GLY A 1010 1.99 14.81 -0.61
CA GLY A 1010 2.93 14.05 0.19
C GLY A 1010 4.27 14.75 0.25
N PRO A 1011 5.18 14.24 1.08
CA PRO A 1011 6.47 14.94 1.26
C PRO A 1011 7.42 14.79 0.08
N PHE A 1012 7.45 13.64 -0.58
CA PHE A 1012 8.45 13.39 -1.61
C PHE A 1012 7.81 13.33 -2.99
N ARG A 1013 8.63 13.54 -4.00
CA ARG A 1013 8.18 13.45 -5.38
C ARG A 1013 8.01 12.00 -5.79
N THR A 1014 7.48 11.80 -7.00
CA THR A 1014 7.24 10.46 -7.51
C THR A 1014 8.53 9.84 -8.02
N ILE A 1015 8.65 8.53 -7.86
CA ILE A 1015 9.72 7.79 -8.51
C ILE A 1015 9.28 7.43 -9.92
N THR A 1016 10.17 7.59 -10.88
CA THR A 1016 9.87 7.37 -12.28
C THR A 1016 10.67 6.17 -12.80
N VAL A 1017 10.41 5.81 -14.07
CA VAL A 1017 11.20 4.78 -14.72
C VAL A 1017 12.65 5.24 -14.87
N ARG A 1018 12.87 6.54 -15.04
CA ARG A 1018 14.22 7.09 -15.12
C ARG A 1018 14.95 6.92 -13.79
N ASP A 1019 14.29 7.28 -12.68
CA ASP A 1019 14.87 7.05 -11.36
C ASP A 1019 15.19 5.59 -11.14
N THR A 1020 14.47 4.70 -11.83
CA THR A 1020 14.55 3.27 -11.53
C THR A 1020 15.72 2.60 -12.24
N MET A 1021 15.91 2.84 -13.54
CA MET A 1021 16.85 2.02 -14.29
C MET A 1021 17.64 2.81 -15.32
N SER A 1022 17.84 4.12 -15.11
CA SER A 1022 18.56 4.90 -16.10
C SER A 1022 20.06 4.59 -16.13
N ASP A 1023 20.59 3.97 -15.08
CA ASP A 1023 22.02 3.71 -14.99
C ASP A 1023 22.45 2.41 -15.67
N LEU A 1024 21.53 1.47 -15.87
CA LEU A 1024 21.85 0.12 -16.32
C LEU A 1024 22.31 0.12 -17.77
N PRO A 1025 23.37 -0.62 -18.08
CA PRO A 1025 23.94 -0.59 -19.43
C PRO A 1025 23.02 -1.24 -20.45
N GLU A 1026 23.25 -0.91 -21.71
CA GLU A 1026 22.47 -1.47 -22.79
C GLU A 1026 22.66 -2.98 -22.86
N VAL A 1027 21.61 -3.68 -23.24
CA VAL A 1027 21.62 -5.14 -23.37
C VAL A 1027 20.62 -5.52 -24.45
N ARG A 1028 20.70 -6.77 -24.91
CA ARG A 1028 19.96 -7.21 -26.08
C ARG A 1028 18.85 -8.17 -25.69
N ASN A 1029 17.98 -8.44 -26.66
CA ASN A 1029 16.94 -9.45 -26.49
C ASN A 1029 17.57 -10.83 -26.28
N GLY A 1030 17.26 -11.44 -25.14
CA GLY A 1030 17.82 -12.72 -24.81
C GLY A 1030 19.08 -12.69 -23.96
N ALA A 1031 19.29 -11.62 -23.20
CA ALA A 1031 20.50 -11.49 -22.38
C ALA A 1031 20.65 -12.68 -21.45
N SER A 1032 21.89 -13.16 -21.32
CA SER A 1032 22.17 -14.35 -20.53
C SER A 1032 23.34 -14.19 -19.58
N ALA A 1033 24.02 -13.06 -19.59
CA ALA A 1033 25.19 -12.86 -18.73
C ALA A 1033 24.75 -12.45 -17.34
N LEU A 1034 24.92 -13.34 -16.37
CA LEU A 1034 24.44 -13.10 -15.02
C LEU A 1034 25.13 -11.89 -14.40
N GLU A 1035 26.43 -11.95 -14.22
CA GLU A 1035 27.19 -10.88 -13.56
C GLU A 1035 27.96 -10.08 -14.59
N ILE A 1036 27.66 -8.79 -14.67
CA ILE A 1036 28.33 -7.86 -15.57
C ILE A 1036 28.75 -6.64 -14.76
N SER A 1037 29.28 -5.64 -15.46
CA SER A 1037 29.69 -4.39 -14.82
C SER A 1037 28.67 -3.29 -15.07
N TYR A 1038 28.50 -2.41 -14.08
CA TYR A 1038 27.84 -1.14 -14.32
C TYR A 1038 28.74 -0.26 -15.18
N ASN A 1039 28.14 0.49 -16.09
CA ASN A 1039 28.89 1.44 -16.90
C ASN A 1039 28.92 2.82 -16.24
N GLY A 1040 29.29 2.87 -14.96
CA GLY A 1040 29.34 4.11 -14.22
C GLY A 1040 28.67 3.98 -12.87
N GLU A 1041 28.47 5.11 -12.22
CA GLU A 1041 27.91 5.22 -10.89
C GLU A 1041 26.41 5.42 -10.96
N PRO A 1042 25.70 5.28 -9.85
CA PRO A 1042 24.24 5.50 -9.87
C PRO A 1042 23.91 6.96 -10.18
N GLN A 1043 22.85 7.16 -10.94
CA GLN A 1043 22.51 8.47 -11.46
C GLN A 1043 21.31 9.13 -10.79
N SER A 1044 20.62 8.46 -9.88
CA SER A 1044 19.50 9.05 -9.18
C SER A 1044 19.58 8.70 -7.70
N TRP A 1045 18.69 9.33 -6.92
CA TRP A 1045 18.58 9.00 -5.51
C TRP A 1045 18.13 7.56 -5.32
N PHE A 1046 17.14 7.12 -6.09
CA PHE A 1046 16.65 5.75 -5.99
C PHE A 1046 17.73 4.74 -6.33
N GLN A 1047 18.53 5.02 -7.35
CA GLN A 1047 19.62 4.12 -7.71
C GLN A 1047 20.69 4.09 -6.62
N ARG A 1048 20.95 5.25 -6.00
CA ARG A 1048 21.89 5.29 -4.88
C ARG A 1048 21.39 4.48 -3.70
N GLN A 1049 20.09 4.54 -3.42
CA GLN A 1049 19.54 3.75 -2.33
C GLN A 1049 19.59 2.26 -2.63
N LEU A 1050 19.36 1.88 -3.88
CA LEU A 1050 19.31 0.48 -4.26
C LEU A 1050 20.69 -0.15 -4.41
N ARG A 1051 21.71 0.64 -4.73
CA ARG A 1051 23.04 0.11 -4.93
C ARG A 1051 23.92 0.21 -3.68
N GLY A 1052 23.66 1.18 -2.84
CA GLY A 1052 24.49 1.45 -1.67
C GLY A 1052 25.47 2.57 -1.96
N ALA A 1053 26.41 2.73 -1.03
CA ALA A 1053 27.43 3.76 -1.17
C ALA A 1053 28.77 3.22 -1.65
N GLN A 1054 29.17 2.05 -1.17
CA GLN A 1054 30.45 1.46 -1.54
C GLN A 1054 30.48 1.12 -3.02
N TYR A 1055 31.67 1.23 -3.62
CA TYR A 1055 31.86 0.96 -5.05
C TYR A 1055 31.91 -0.54 -5.27
N GLN A 1056 30.80 -1.12 -5.68
CA GLN A 1056 30.74 -2.52 -6.11
C GLN A 1056 30.29 -2.58 -7.55
N PRO A 1057 31.15 -2.96 -8.49
CA PRO A 1057 30.81 -2.85 -9.91
C PRO A 1057 30.10 -4.06 -10.48
N ILE A 1058 29.72 -5.03 -9.66
CA ILE A 1058 29.09 -6.26 -10.15
C ILE A 1058 27.57 -6.08 -10.13
N LEU A 1059 26.98 -5.98 -11.31
CA LEU A 1059 25.54 -5.94 -11.49
C LEU A 1059 25.05 -7.33 -11.87
N ARG A 1060 24.07 -7.84 -11.15
CA ARG A 1060 23.52 -9.16 -11.38
C ARG A 1060 22.12 -9.09 -11.96
N ASP A 1061 21.76 -10.12 -12.73
CA ASP A 1061 20.41 -10.38 -13.23
C ASP A 1061 19.94 -9.36 -14.26
N HIS A 1062 20.85 -8.66 -14.93
CA HIS A 1062 20.48 -7.79 -16.04
C HIS A 1062 20.31 -8.64 -17.31
N ILE A 1063 19.40 -9.59 -17.21
CA ILE A 1063 19.16 -10.57 -18.26
C ILE A 1063 17.72 -10.46 -18.72
N CYS A 1064 17.50 -10.60 -20.03
CA CYS A 1064 16.20 -10.43 -20.65
C CYS A 1064 15.77 -11.72 -21.32
N LYS A 1065 14.46 -11.97 -21.32
CA LYS A 1065 13.94 -13.17 -21.95
C LYS A 1065 14.18 -13.15 -23.46
N ASP A 1066 14.45 -14.33 -24.01
CA ASP A 1066 14.75 -14.45 -25.44
C ASP A 1066 13.44 -14.63 -26.20
N MET A 1067 12.99 -13.57 -26.84
CA MET A 1067 11.79 -13.65 -27.65
C MET A 1067 12.11 -14.18 -29.04
N SER A 1068 11.11 -14.79 -29.68
CA SER A 1068 11.28 -15.38 -31.00
C SER A 1068 11.54 -14.30 -32.06
N ALA A 1069 11.80 -14.72 -33.30
CA ALA A 1069 12.15 -13.76 -34.34
C ALA A 1069 10.97 -12.85 -34.70
N LEU A 1070 9.76 -13.41 -34.72
CA LEU A 1070 8.59 -12.58 -35.00
C LEU A 1070 8.33 -11.59 -33.88
N VAL A 1071 8.43 -12.05 -32.63
CA VAL A 1071 8.25 -11.14 -31.48
C VAL A 1071 9.35 -10.10 -31.46
N ALA A 1072 10.56 -10.47 -31.87
CA ALA A 1072 11.66 -9.51 -31.92
C ALA A 1072 11.39 -8.44 -32.98
N ALA A 1073 10.91 -8.84 -34.16
CA ALA A 1073 10.58 -7.85 -35.18
C ALA A 1073 9.44 -6.94 -34.71
N ARG A 1074 8.46 -7.51 -34.00
CA ARG A 1074 7.39 -6.70 -33.44
C ARG A 1074 7.93 -5.68 -32.45
N MET A 1075 8.85 -6.09 -31.58
CA MET A 1075 9.43 -5.17 -30.61
C MET A 1075 10.32 -4.14 -31.29
N ARG A 1076 10.86 -4.46 -32.46
CA ARG A 1076 11.59 -3.46 -33.23
C ARG A 1076 10.64 -2.46 -33.87
N HIS A 1077 9.42 -2.86 -34.19
CA HIS A 1077 8.49 -1.98 -34.86
C HIS A 1077 7.56 -1.22 -33.90
N ILE A 1078 7.79 -1.31 -32.60
CA ILE A 1078 7.06 -0.51 -31.62
C ILE A 1078 7.76 0.84 -31.50
N PRO A 1079 7.11 1.95 -31.86
CA PRO A 1079 7.77 3.26 -31.79
C PRO A 1079 8.03 3.68 -30.35
N LEU A 1080 8.88 4.69 -30.22
CA LEU A 1080 9.36 5.14 -28.92
C LEU A 1080 8.45 6.17 -28.26
N ALA A 1081 7.41 6.63 -28.93
CA ALA A 1081 6.51 7.61 -28.33
C ALA A 1081 5.87 7.03 -27.07
N PRO A 1082 5.60 7.87 -26.07
CA PRO A 1082 4.89 7.38 -24.89
C PRO A 1082 3.49 6.92 -25.24
N GLY A 1083 3.09 5.80 -24.66
CA GLY A 1083 1.82 5.19 -24.98
C GLY A 1083 1.83 4.28 -26.18
N SER A 1084 3.01 3.97 -26.73
CA SER A 1084 3.10 3.07 -27.87
C SER A 1084 2.93 1.63 -27.43
N ASP A 1085 2.11 0.89 -28.16
CA ASP A 1085 1.86 -0.52 -27.89
C ASP A 1085 1.59 -1.19 -29.24
N TRP A 1086 0.94 -2.36 -29.20
CA TRP A 1086 0.66 -3.11 -30.43
C TRP A 1086 -0.17 -2.31 -31.43
N ARG A 1087 -1.01 -1.39 -30.96
CA ARG A 1087 -1.99 -0.75 -31.83
C ARG A 1087 -1.37 0.16 -32.89
N ASP A 1088 -0.10 0.55 -32.75
CA ASP A 1088 0.58 1.26 -33.83
C ASP A 1088 1.68 0.41 -34.46
N LEU A 1089 1.51 -0.90 -34.45
CA LEU A 1089 2.33 -1.78 -35.26
C LEU A 1089 1.96 -1.61 -36.74
N PRO A 1090 2.92 -1.73 -37.63
CA PRO A 1090 2.60 -1.60 -39.07
C PRO A 1090 2.12 -2.91 -39.66
N ASN A 1091 1.13 -2.82 -40.55
CA ASN A 1091 0.60 -3.99 -41.25
C ASN A 1091 1.39 -4.17 -42.54
N ILE A 1092 2.57 -4.76 -42.40
CA ILE A 1092 3.52 -4.91 -43.49
C ILE A 1092 4.11 -6.33 -43.46
N GLU A 1093 4.86 -6.65 -44.50
CA GLU A 1093 5.58 -7.91 -44.57
C GLU A 1093 7.02 -7.68 -44.13
N VAL A 1094 7.48 -8.50 -43.19
CA VAL A 1094 8.76 -8.28 -42.51
C VAL A 1094 9.66 -9.49 -42.71
N ARG A 1095 10.88 -9.25 -43.17
CA ARG A 1095 11.90 -10.28 -43.27
C ARG A 1095 12.49 -10.49 -41.87
N LEU A 1096 12.14 -11.61 -41.24
CA LEU A 1096 12.52 -11.86 -39.86
C LEU A 1096 14.01 -12.16 -39.75
N SER A 1097 14.45 -12.39 -38.51
CA SER A 1097 15.86 -12.65 -38.24
C SER A 1097 16.31 -13.98 -38.82
N ASP A 1098 15.38 -14.84 -39.19
CA ASP A 1098 15.68 -16.09 -39.87
C ASP A 1098 15.11 -16.04 -41.29
N GLY A 1099 15.22 -17.15 -42.01
CA GLY A 1099 14.68 -17.21 -43.36
C GLY A 1099 13.17 -17.34 -43.38
N THR A 1100 12.48 -16.31 -42.89
CA THR A 1100 11.03 -16.33 -42.81
C THR A 1100 10.52 -14.91 -42.95
N MET A 1101 9.41 -14.76 -43.68
CA MET A 1101 8.82 -13.45 -43.94
C MET A 1101 7.44 -13.41 -43.31
N ALA A 1102 7.27 -12.58 -42.28
CA ALA A 1102 5.97 -12.39 -41.67
C ALA A 1102 5.01 -11.75 -42.67
N ARG A 1103 3.78 -12.27 -42.71
CA ARG A 1103 2.81 -11.80 -43.68
C ARG A 1103 1.93 -10.70 -43.09
N LYS A 1104 1.18 -10.04 -43.97
CA LYS A 1104 0.25 -9.02 -43.55
C LYS A 1104 -1.03 -9.64 -43.02
N LEU A 1105 -1.49 -9.15 -41.87
CA LEU A 1105 -2.79 -9.57 -41.37
C LEU A 1105 -3.88 -9.16 -42.33
N ARG A 1106 -4.70 -10.12 -42.75
CA ARG A 1106 -5.82 -9.85 -43.62
C ARG A 1106 -7.08 -9.61 -42.79
N TYR A 1107 -7.89 -8.66 -43.22
CA TYR A 1107 -9.13 -8.30 -42.53
C TYR A 1107 -10.28 -8.85 -43.35
N THR A 1108 -10.90 -9.91 -42.85
CA THR A 1108 -11.78 -10.76 -43.65
C THR A 1108 -13.26 -10.53 -43.39
N HIS A 1109 -13.62 -9.97 -42.25
CA HIS A 1109 -15.02 -9.81 -41.87
C HIS A 1109 -15.28 -8.36 -41.49
N HIS A 1110 -16.50 -7.90 -41.75
CA HIS A 1110 -16.85 -6.50 -41.49
C HIS A 1110 -17.26 -6.35 -40.03
N ASP A 1111 -16.38 -5.78 -39.23
CA ASP A 1111 -16.69 -5.42 -37.85
C ASP A 1111 -17.72 -4.31 -37.85
N ARG A 1112 -18.94 -4.60 -37.38
CA ARG A 1112 -20.00 -3.59 -37.44
C ARG A 1112 -19.83 -2.53 -36.38
N LYS A 1113 -19.24 -2.87 -35.23
CA LYS A 1113 -19.04 -1.88 -34.18
C LYS A 1113 -17.94 -0.91 -34.54
N ASN A 1114 -16.79 -1.42 -34.99
CA ASN A 1114 -15.68 -0.56 -35.35
C ASN A 1114 -15.86 0.09 -36.72
N GLY A 1115 -16.77 -0.43 -37.54
CA GLY A 1115 -16.99 0.11 -38.86
C GLY A 1115 -15.80 -0.13 -39.77
N ARG A 1116 -15.93 0.34 -41.00
CA ARG A 1116 -14.85 0.22 -41.97
C ARG A 1116 -13.84 1.34 -41.78
N SER A 1117 -12.59 1.06 -42.13
CA SER A 1117 -11.56 2.08 -42.11
C SER A 1117 -11.79 3.10 -43.22
N SER A 1118 -10.98 4.15 -43.21
CA SER A 1118 -11.17 5.25 -44.16
C SER A 1118 -10.96 4.79 -45.60
N SER A 1119 -10.08 3.84 -45.84
CA SER A 1119 -9.88 3.34 -47.20
C SER A 1119 -10.97 2.36 -47.62
N GLY A 1120 -12.06 2.23 -46.87
CA GLY A 1120 -13.09 1.26 -47.17
C GLY A 1120 -12.74 -0.16 -46.76
N ALA A 1121 -11.63 -0.36 -46.07
CA ALA A 1121 -11.18 -1.69 -45.70
C ALA A 1121 -11.96 -2.20 -44.49
N LEU A 1122 -11.92 -3.52 -44.31
CA LEU A 1122 -12.57 -4.18 -43.19
C LEU A 1122 -11.65 -4.17 -41.97
N ARG A 1123 -12.25 -4.40 -40.79
CA ARG A 1123 -11.52 -4.35 -39.54
C ARG A 1123 -11.67 -5.59 -38.68
N GLY A 1124 -12.42 -6.59 -39.14
CA GLY A 1124 -12.59 -7.83 -38.40
C GLY A 1124 -11.69 -8.92 -38.95
N VAL A 1125 -11.25 -9.81 -38.06
CA VAL A 1125 -10.33 -10.88 -38.40
C VAL A 1125 -10.98 -12.25 -38.24
N CYS A 1126 -12.28 -12.31 -37.95
CA CYS A 1126 -12.96 -13.57 -37.76
C CYS A 1126 -14.46 -13.33 -37.83
N SER A 1127 -15.21 -14.41 -38.07
CA SER A 1127 -16.66 -14.30 -38.19
C SER A 1127 -17.34 -13.87 -36.90
N CYS A 1128 -16.69 -14.06 -35.75
CA CYS A 1128 -17.32 -13.75 -34.47
C CYS A 1128 -17.56 -12.26 -34.28
N VAL A 1129 -17.22 -11.41 -35.25
CA VAL A 1129 -17.53 -9.99 -35.13
C VAL A 1129 -19.03 -9.77 -35.14
N GLU A 1130 -19.78 -10.65 -35.80
CA GLU A 1130 -21.22 -10.54 -35.81
C GLU A 1130 -21.79 -11.00 -34.47
N ALA A 1131 -22.70 -10.20 -33.91
CA ALA A 1131 -23.28 -10.50 -32.61
C ALA A 1131 -24.09 -11.78 -32.67
N GLY A 1132 -23.63 -12.80 -31.95
CA GLY A 1132 -24.34 -14.06 -31.90
C GLY A 1132 -23.97 -15.01 -33.02
N LYS A 1133 -22.69 -15.36 -33.12
CA LYS A 1133 -22.22 -16.26 -34.16
C LYS A 1133 -20.91 -16.88 -33.70
N ALA A 1134 -20.72 -18.14 -34.07
CA ALA A 1134 -19.53 -18.88 -33.66
C ALA A 1134 -18.32 -18.49 -34.51
N CYS A 1135 -17.14 -18.63 -33.91
CA CYS A 1135 -15.91 -18.39 -34.65
C CYS A 1135 -15.77 -19.38 -35.79
N ASP A 1136 -15.14 -18.93 -36.88
CA ASP A 1136 -14.81 -19.80 -37.99
C ASP A 1136 -13.43 -20.38 -37.75
N PRO A 1137 -13.26 -21.70 -37.65
CA PRO A 1137 -11.92 -22.24 -37.38
C PRO A 1137 -11.05 -22.26 -38.62
N ALA A 1138 -11.09 -21.18 -39.38
CA ALA A 1138 -10.17 -20.95 -40.49
C ALA A 1138 -9.73 -19.51 -40.59
N ALA A 1139 -10.36 -18.58 -39.88
CA ALA A 1139 -9.99 -17.18 -39.86
C ALA A 1139 -8.77 -16.89 -38.98
N ARG A 1140 -8.27 -17.90 -38.27
CA ARG A 1140 -7.08 -17.71 -37.44
C ARG A 1140 -5.85 -17.60 -38.33
N GLN A 1141 -5.17 -16.47 -38.26
CA GLN A 1141 -4.03 -16.17 -39.13
C GLN A 1141 -2.74 -16.27 -38.33
N PHE A 1142 -1.68 -16.75 -39.00
CA PHE A 1142 -0.42 -17.08 -38.36
C PHE A 1142 0.73 -16.27 -38.94
N ASN A 1143 1.76 -16.08 -38.12
CA ASN A 1143 3.01 -15.45 -38.54
C ASN A 1143 2.80 -14.04 -39.04
N THR A 1144 1.95 -13.28 -38.36
CA THR A 1144 1.68 -11.89 -38.68
C THR A 1144 2.36 -10.99 -37.67
N LEU A 1145 2.90 -9.87 -38.15
CA LEU A 1145 3.52 -8.90 -37.25
C LEU A 1145 2.48 -8.31 -36.30
N ILE A 1146 1.26 -8.09 -36.78
CA ILE A 1146 0.14 -7.73 -35.93
C ILE A 1146 -0.51 -9.03 -35.45
N PRO A 1147 -0.49 -9.32 -34.14
CA PRO A 1147 -1.12 -10.55 -33.65
C PRO A 1147 -2.61 -10.57 -33.96
N TRP A 1148 -3.10 -11.74 -34.40
CA TRP A 1148 -4.48 -11.87 -34.85
C TRP A 1148 -5.47 -11.88 -33.69
N CYS A 1149 -5.09 -12.49 -32.56
CA CYS A 1149 -5.99 -12.60 -31.43
C CYS A 1149 -6.35 -11.23 -30.85
N LEU A 1150 -5.44 -10.26 -30.95
CA LEU A 1150 -5.71 -8.95 -30.35
C LEU A 1150 -6.86 -8.24 -31.05
N PRO A 1151 -6.90 -8.10 -32.38
CA PRO A 1151 -8.13 -7.60 -33.00
C PRO A 1151 -9.28 -8.57 -32.88
N HIS A 1152 -9.01 -9.88 -32.77
CA HIS A 1152 -10.08 -10.84 -32.60
C HIS A 1152 -10.94 -10.53 -31.37
N THR A 1153 -10.30 -10.28 -30.24
CA THR A 1153 -11.04 -10.11 -28.98
C THR A 1153 -10.78 -8.77 -28.31
N GLY A 1154 -10.35 -7.75 -29.06
CA GLY A 1154 -10.04 -6.48 -28.42
C GLY A 1154 -11.25 -5.68 -27.99
N ASN A 1155 -12.36 -5.81 -28.73
CA ASN A 1155 -13.53 -4.98 -28.45
C ASN A 1155 -14.12 -5.25 -27.08
N ARG A 1156 -13.88 -6.42 -26.50
CA ARG A 1156 -14.35 -6.72 -25.15
C ARG A 1156 -13.21 -6.78 -24.13
N HIS A 1157 -12.03 -6.29 -24.49
CA HIS A 1157 -10.88 -6.35 -23.61
C HIS A 1157 -10.13 -5.02 -23.53
N ASN A 1158 -10.85 -3.91 -23.70
CA ASN A 1158 -10.26 -2.57 -23.65
C ASN A 1158 -9.24 -2.38 -24.77
N HIS A 1159 -9.52 -2.99 -25.93
CA HIS A 1159 -8.64 -2.95 -27.10
C HIS A 1159 -7.24 -3.43 -26.78
N TRP A 1160 -7.12 -4.28 -25.76
CA TRP A 1160 -5.83 -4.84 -25.31
C TRP A 1160 -4.81 -3.75 -25.08
N ALA A 1161 -5.27 -2.64 -24.48
CA ALA A 1161 -4.39 -1.51 -24.22
C ALA A 1161 -3.23 -1.92 -23.33
N GLY A 1162 -2.02 -1.58 -23.75
CA GLY A 1162 -0.83 -1.90 -23.02
C GLY A 1162 -0.05 -3.09 -23.54
N LEU A 1163 -0.61 -3.86 -24.48
CA LEU A 1163 0.07 -5.05 -24.97
C LEU A 1163 1.11 -4.67 -26.00
N TYR A 1164 2.30 -5.28 -25.88
CA TYR A 1164 3.50 -4.83 -26.59
C TYR A 1164 3.80 -3.36 -26.29
N GLY A 1165 3.51 -2.94 -25.06
CA GLY A 1165 3.63 -1.54 -24.70
C GLY A 1165 5.01 -1.21 -24.13
N ARG A 1166 5.55 -0.09 -24.57
CA ARG A 1166 6.78 0.45 -24.01
C ARG A 1166 6.50 1.25 -22.75
N LEU A 1167 7.49 1.28 -21.86
CA LEU A 1167 7.49 2.18 -20.73
C LEU A 1167 8.05 3.54 -21.15
N GLU A 1168 7.68 4.57 -20.41
CA GLU A 1168 8.21 5.91 -20.62
C GLU A 1168 9.10 6.30 -19.45
N TRP A 1169 10.15 7.06 -19.75
CA TRP A 1169 11.12 7.42 -18.73
C TRP A 1169 10.49 8.23 -17.60
N ASP A 1170 9.59 9.15 -17.94
CA ASP A 1170 8.97 10.01 -16.94
C ASP A 1170 7.86 9.34 -16.17
N GLY A 1171 7.46 8.13 -16.54
CA GLY A 1171 6.31 7.48 -15.96
C GLY A 1171 6.68 6.39 -14.98
N PHE A 1172 5.74 5.48 -14.76
CA PHE A 1172 5.91 4.38 -13.83
C PHE A 1172 5.52 3.06 -14.48
N PHE A 1173 5.99 1.97 -13.88
CA PHE A 1173 5.64 0.64 -14.36
C PHE A 1173 4.20 0.31 -14.05
N SER A 1174 3.61 -0.53 -14.89
CA SER A 1174 2.40 -1.22 -14.49
C SER A 1174 2.76 -2.35 -13.53
N THR A 1175 1.74 -2.97 -12.94
CA THR A 1175 1.96 -3.99 -11.91
C THR A 1175 2.89 -5.08 -12.42
N THR A 1176 4.02 -5.23 -11.73
CA THR A 1176 5.00 -6.26 -12.07
C THR A 1176 4.44 -7.64 -11.72
N VAL A 1177 4.27 -8.49 -12.73
CA VAL A 1177 3.68 -9.80 -12.54
C VAL A 1177 4.76 -10.86 -12.77
N THR A 1178 4.40 -12.13 -12.59
CA THR A 1178 5.41 -13.19 -12.56
C THR A 1178 6.12 -13.38 -13.88
N ASN A 1179 5.52 -12.98 -14.98
CA ASN A 1179 6.14 -13.21 -16.27
C ASN A 1179 5.90 -12.04 -17.21
N PRO A 1180 6.92 -11.22 -17.49
CA PRO A 1180 6.72 -10.09 -18.41
C PRO A 1180 6.53 -10.56 -19.83
N GLU A 1181 5.30 -10.51 -20.31
CA GLU A 1181 4.94 -11.03 -21.62
C GLU A 1181 4.25 -9.94 -22.42
N PRO A 1182 4.82 -9.50 -23.55
CA PRO A 1182 4.19 -8.41 -24.31
C PRO A 1182 2.74 -8.68 -24.70
N MET A 1183 2.35 -9.95 -24.83
CA MET A 1183 0.97 -10.32 -25.08
C MET A 1183 0.26 -10.82 -23.83
N GLY A 1184 0.87 -10.71 -22.66
CA GLY A 1184 0.19 -11.00 -21.42
C GLY A 1184 -0.93 -10.02 -21.15
N LYS A 1185 -1.73 -10.34 -20.13
CA LYS A 1185 -2.81 -9.43 -19.72
C LYS A 1185 -2.25 -8.09 -19.28
N GLN A 1186 -1.15 -8.10 -18.53
CA GLN A 1186 -0.38 -6.90 -18.21
C GLN A 1186 0.88 -6.99 -19.07
N GLY A 1187 0.80 -6.45 -20.29
CA GLY A 1187 1.85 -6.63 -21.26
C GLY A 1187 2.66 -5.41 -21.64
N ARG A 1188 2.62 -4.37 -20.82
CA ARG A 1188 3.42 -3.16 -21.05
C ARG A 1188 4.80 -3.35 -20.42
N VAL A 1189 5.65 -4.08 -21.14
CA VAL A 1189 6.88 -4.58 -20.56
C VAL A 1189 8.08 -4.29 -21.47
N LEU A 1190 7.89 -3.44 -22.46
CA LEU A 1190 8.97 -3.12 -23.40
C LEU A 1190 9.81 -1.97 -22.87
N HIS A 1191 11.12 -2.07 -23.09
CA HIS A 1191 12.04 -1.02 -22.66
C HIS A 1191 11.66 0.31 -23.29
N PRO A 1192 11.92 1.42 -22.60
CA PRO A 1192 11.67 2.73 -23.22
C PRO A 1192 12.36 2.94 -24.55
N GLU A 1193 13.57 2.42 -24.70
CA GLU A 1193 14.29 2.62 -25.96
C GLU A 1193 14.80 1.32 -26.57
N GLN A 1194 15.27 0.38 -25.76
CA GLN A 1194 15.88 -0.83 -26.28
C GLN A 1194 14.81 -1.78 -26.80
N HIS A 1195 15.11 -2.44 -27.91
CA HIS A 1195 14.15 -3.32 -28.58
C HIS A 1195 14.13 -4.69 -27.89
N ARG A 1196 13.66 -4.67 -26.65
CA ARG A 1196 13.67 -5.86 -25.81
C ARG A 1196 12.59 -5.73 -24.74
N VAL A 1197 12.37 -6.84 -24.03
CA VAL A 1197 11.56 -6.84 -22.83
C VAL A 1197 12.39 -6.33 -21.65
N VAL A 1198 11.71 -5.79 -20.63
CA VAL A 1198 12.38 -5.37 -19.41
C VAL A 1198 13.19 -6.51 -18.81
N SER A 1199 14.24 -6.15 -18.09
CA SER A 1199 15.15 -7.14 -17.53
C SER A 1199 14.62 -7.65 -16.19
N VAL A 1200 15.25 -8.72 -15.70
CA VAL A 1200 14.99 -9.18 -14.34
C VAL A 1200 15.45 -8.14 -13.34
N ARG A 1201 16.61 -7.53 -13.59
CA ARG A 1201 17.10 -6.46 -12.72
C ARG A 1201 16.16 -5.27 -12.74
N GLU A 1202 15.61 -4.94 -13.91
CA GLU A 1202 14.71 -3.81 -14.02
C GLU A 1202 13.36 -4.09 -13.37
N CYS A 1203 12.93 -5.35 -13.35
CA CYS A 1203 11.71 -5.71 -12.64
C CYS A 1203 11.92 -5.69 -11.13
N ALA A 1204 13.09 -6.14 -10.68
CA ALA A 1204 13.41 -6.06 -9.26
C ALA A 1204 13.54 -4.62 -8.80
N ARG A 1205 14.03 -3.73 -9.67
CA ARG A 1205 14.10 -2.32 -9.34
C ARG A 1205 12.73 -1.65 -9.40
N SER A 1206 11.83 -2.13 -10.26
CA SER A 1206 10.46 -1.64 -10.18
C SER A 1206 9.80 -2.04 -8.87
N GLN A 1207 10.27 -3.11 -8.24
CA GLN A 1207 9.71 -3.60 -6.99
C GLN A 1207 10.47 -3.10 -5.77
N GLY A 1208 11.43 -2.20 -5.95
CA GLY A 1208 12.18 -1.67 -4.83
C GLY A 1208 13.12 -2.65 -4.16
N PHE A 1209 13.67 -3.58 -4.91
CA PHE A 1209 14.61 -4.52 -4.31
C PHE A 1209 16.02 -3.92 -4.30
N PRO A 1210 16.77 -4.10 -3.22
CA PRO A 1210 18.19 -3.72 -3.24
C PRO A 1210 18.94 -4.50 -4.31
N ASP A 1211 19.85 -3.82 -4.98
CA ASP A 1211 20.60 -4.45 -6.08
C ASP A 1211 21.32 -5.71 -5.62
N THR A 1212 21.61 -5.81 -4.33
CA THR A 1212 22.29 -6.96 -3.76
C THR A 1212 21.33 -8.07 -3.36
N TYR A 1213 20.03 -7.92 -3.60
CA TYR A 1213 19.10 -8.97 -3.21
C TYR A 1213 19.21 -10.14 -4.17
N ARG A 1214 19.42 -11.33 -3.63
CA ARG A 1214 19.72 -12.50 -4.43
C ARG A 1214 18.43 -13.17 -4.92
N LEU A 1215 18.37 -13.43 -6.22
CA LEU A 1215 17.33 -14.22 -6.84
C LEU A 1215 17.93 -15.52 -7.34
N PHE A 1216 17.05 -16.48 -7.68
CA PHE A 1216 17.49 -17.84 -7.94
C PHE A 1216 16.76 -18.43 -9.13
N GLY A 1217 17.42 -19.39 -9.79
CA GLY A 1217 16.80 -20.20 -10.81
C GLY A 1217 17.16 -19.76 -12.21
N ASN A 1218 16.33 -20.17 -13.16
CA ASN A 1218 16.42 -19.64 -14.50
C ASN A 1218 15.71 -18.30 -14.57
N ILE A 1219 15.61 -17.73 -15.77
CA ILE A 1219 15.07 -16.38 -15.92
C ILE A 1219 13.58 -16.33 -15.56
N LEU A 1220 12.85 -17.41 -15.81
CA LEU A 1220 11.43 -17.41 -15.47
C LEU A 1220 11.20 -17.52 -13.97
N ASP A 1221 12.03 -18.31 -13.28
CA ASP A 1221 11.96 -18.38 -11.83
C ASP A 1221 12.27 -17.03 -11.20
N LYS A 1222 13.29 -16.34 -11.73
CA LYS A 1222 13.64 -15.03 -11.21
C LYS A 1222 12.52 -14.02 -11.45
N HIS A 1223 11.94 -14.02 -12.66
CA HIS A 1223 10.84 -13.11 -12.93
C HIS A 1223 9.66 -13.38 -12.02
N ARG A 1224 9.40 -14.66 -11.72
CA ARG A 1224 8.28 -15.00 -10.85
C ARG A 1224 8.54 -14.61 -9.41
N GLN A 1225 9.75 -14.85 -8.91
CA GLN A 1225 10.10 -14.40 -7.56
C GLN A 1225 9.96 -12.91 -7.42
N VAL A 1226 10.37 -12.15 -8.45
CA VAL A 1226 10.25 -10.70 -8.38
C VAL A 1226 8.79 -10.27 -8.44
N GLY A 1227 8.01 -10.87 -9.36
CA GLY A 1227 6.64 -10.46 -9.54
C GLY A 1227 5.68 -10.91 -8.46
N ASN A 1228 6.09 -11.89 -7.64
CA ASN A 1228 5.26 -12.31 -6.52
C ASN A 1228 5.45 -11.43 -5.29
N ALA A 1229 6.58 -10.76 -5.17
CA ALA A 1229 7.01 -10.22 -3.90
C ALA A 1229 6.20 -9.01 -3.47
N VAL A 1230 6.16 -8.78 -2.16
CA VAL A 1230 5.77 -7.48 -1.63
C VAL A 1230 6.92 -6.50 -1.82
N PRO A 1231 6.70 -5.32 -2.38
CA PRO A 1231 7.79 -4.36 -2.55
C PRO A 1231 8.35 -3.91 -1.21
N PRO A 1232 9.64 -4.11 -0.99
CA PRO A 1232 10.24 -3.87 0.33
C PRO A 1232 9.94 -2.50 0.92
N PRO A 1233 9.87 -1.42 0.12
CA PRO A 1233 9.51 -0.13 0.72
C PRO A 1233 8.11 -0.10 1.36
N LEU A 1234 7.15 -0.81 0.77
CA LEU A 1234 5.82 -0.87 1.37
C LEU A 1234 5.84 -1.66 2.69
N ALA A 1235 6.50 -2.82 2.68
CA ALA A 1235 6.65 -3.60 3.90
C ALA A 1235 7.42 -2.82 4.96
N LYS A 1236 8.34 -1.95 4.55
CA LYS A 1236 9.07 -1.13 5.50
C LYS A 1236 8.19 -0.07 6.13
N ALA A 1237 7.34 0.58 5.33
CA ALA A 1237 6.38 1.53 5.88
C ALA A 1237 5.45 0.87 6.90
N ILE A 1238 4.91 -0.30 6.55
CA ILE A 1238 4.05 -1.04 7.48
C ILE A 1238 4.82 -1.44 8.72
N GLY A 1239 6.08 -1.84 8.55
CA GLY A 1239 6.88 -2.25 9.69
C GLY A 1239 7.14 -1.11 10.64
N LEU A 1240 7.40 0.09 10.11
CA LEU A 1240 7.56 1.26 10.97
C LEU A 1240 6.27 1.57 11.73
N GLU A 1241 5.13 1.37 11.08
CA GLU A 1241 3.85 1.53 11.80
C GLU A 1241 3.75 0.55 12.96
N ILE A 1242 4.18 -0.69 12.77
CA ILE A 1242 4.14 -1.65 13.87
C ILE A 1242 5.19 -1.33 14.95
N LYS A 1243 6.35 -0.80 14.54
CA LYS A 1243 7.37 -0.36 15.48
C LYS A 1243 6.81 0.70 16.42
N LEU A 1244 6.00 1.61 15.89
CA LEU A 1244 5.32 2.58 16.74
C LEU A 1244 4.54 1.90 17.84
N CYS A 1245 3.81 0.83 17.51
CA CYS A 1245 3.00 0.12 18.49
C CYS A 1245 3.87 -0.57 19.53
N MET A 1246 4.96 -1.21 19.08
CA MET A 1246 5.88 -1.86 20.00
C MET A 1246 6.47 -0.88 20.99
N LEU A 1247 6.93 0.27 20.49
CA LEU A 1247 7.50 1.30 21.38
C LEU A 1247 6.46 1.84 22.35
N ALA A 1248 5.24 2.06 21.86
CA ALA A 1248 4.18 2.55 22.74
C ALA A 1248 3.93 1.58 23.88
N LYS A 1249 3.76 0.30 23.56
CA LYS A 1249 3.48 -0.69 24.60
C LYS A 1249 4.64 -0.79 25.58
N ALA A 1250 5.88 -0.77 25.09
CA ALA A 1250 7.02 -0.85 25.98
C ALA A 1250 7.06 0.35 26.92
N ARG A 1251 6.74 1.54 26.41
CA ARG A 1251 6.78 2.73 27.24
C ARG A 1251 5.69 2.70 28.30
N GLU A 1252 4.49 2.24 27.95
CA GLU A 1252 3.43 2.16 28.95
C GLU A 1252 3.75 1.11 30.00
N SER A 1253 4.37 0.00 29.61
CA SER A 1253 4.80 -0.99 30.59
C SER A 1253 5.86 -0.41 31.53
N ALA A 1254 6.84 0.30 30.98
CA ALA A 1254 7.91 0.85 31.81
C ALA A 1254 7.37 1.92 32.75
N SER A 1255 6.41 2.71 32.29
CA SER A 1255 5.79 3.70 33.19
C SER A 1255 4.93 3.02 34.25
N ALA A 1256 4.30 1.89 33.92
CA ALA A 1256 3.54 1.14 34.91
C ALA A 1256 4.43 0.41 35.90
N LYS A 1257 5.70 0.19 35.57
CA LYS A 1257 6.60 -0.52 36.48
C LYS A 1257 7.57 0.40 37.22
N ILE A 1258 7.66 1.67 36.82
CA ILE A 1258 8.50 2.64 37.54
C ILE A 1258 7.56 3.74 38.03
N LYS A 1259 6.34 3.35 38.39
CA LYS A 1259 5.32 4.20 39.04
C LYS A 1259 5.83 5.52 39.62
#